data_6KSL
#
_entry.id   6KSL
#
_cell.length_a   164.209
_cell.length_b   164.209
_cell.length_c   233.053
_cell.angle_alpha   90.000
_cell.angle_beta   90.000
_cell.angle_gamma   120.000
#
_symmetry.space_group_name_H-M   'P 61 2 2'
#
loop_
_entity.id
_entity.type
_entity.pdbx_description
1 polymer 'Lipase 2'
2 non-polymer 'ZINC ION'
3 non-polymer 'CALCIUM ION'
4 non-polymer 'LAURIC ACID'
5 non-polymer 'butanoic acid'
6 water water
#
_entity_poly.entity_id   1
_entity_poly.type   'polypeptide(L)'
_entity_poly.pdbx_seq_one_letter_code
;MNHKVHHHHHHMKANQVQPLNKYPVVFVHGFLGLVGDNAPALYPNYWGGNKFKVIEELRKQGYNVHQASVSAFGSNYDRA
VQLYYYIKGGRVDYGAAHAAKYGHERYGKTYKGIMPNWEPGKKVHLVGHAMGGQTIRLMEEFLRNGNKEEIAYHQAHGGE
ISPLFTGGHNNMVASITTLATPHNGSQAADKFGNTEAVRKIMFALNRFMGNKYSNIDLGLTQWGFKQLPNESYIDYIKRV
SKSKIWTSDDNAAYDLTLDGSAKLNNMTSMNPNITYTTYTGVSSHTGPLGYENPDLGTFFLMDTTSRIIGHDAREEWRKN
DGVVPVISSLHPSNQPFVNVTNNEPATRRGIWQVKPILQGWDHVDFIGVDFLDFKRKGSELANFYIGIINDLLSVEATEG
KGTQLKAS
;
_entity_poly.pdbx_strand_id   A,B
#
# COMPACT_ATOMS: atom_id res chain seq x y z
N GLN A 18 22.00 -10.26 7.64
CA GLN A 18 22.63 -9.07 7.01
C GLN A 18 22.68 -9.31 5.46
N PRO A 19 21.50 -9.58 4.79
CA PRO A 19 21.53 -10.27 3.46
C PRO A 19 22.05 -9.41 2.32
N LEU A 20 22.95 -9.97 1.48
CA LEU A 20 23.70 -9.19 0.45
C LEU A 20 22.86 -8.31 -0.51
N ASN A 21 21.58 -8.68 -0.72
CA ASN A 21 20.63 -7.92 -1.56
C ASN A 21 19.57 -7.23 -0.70
N LYS A 22 19.30 -5.99 -1.06
CA LYS A 22 18.47 -5.07 -0.29
C LYS A 22 17.01 -5.50 -0.32
N TYR A 23 16.51 -5.83 -1.50
CA TYR A 23 15.13 -6.27 -1.66
C TYR A 23 15.07 -7.80 -1.92
N PRO A 24 14.19 -8.53 -1.19
CA PRO A 24 14.02 -10.00 -1.39
C PRO A 24 13.65 -10.37 -2.85
N VAL A 25 14.32 -11.41 -3.36
CA VAL A 25 14.04 -11.93 -4.69
C VAL A 25 13.02 -13.06 -4.55
N VAL A 26 11.87 -12.93 -5.21
CA VAL A 26 10.86 -14.00 -5.21
C VAL A 26 10.77 -14.70 -6.60
N PHE A 27 11.08 -16.00 -6.61
CA PHE A 27 10.95 -16.86 -7.79
C PHE A 27 9.54 -17.42 -7.93
N VAL A 28 8.90 -17.14 -9.06
CA VAL A 28 7.52 -17.61 -9.36
C VAL A 28 7.49 -18.68 -10.47
N HIS A 29 7.14 -19.94 -10.10
CA HIS A 29 7.03 -21.06 -11.06
C HIS A 29 5.91 -20.89 -12.08
N GLY A 30 5.95 -21.72 -13.13
CA GLY A 30 4.99 -21.59 -14.22
C GLY A 30 3.84 -22.57 -14.19
N PHE A 31 3.38 -22.94 -15.40
CA PHE A 31 2.26 -23.84 -15.58
C PHE A 31 2.30 -25.19 -14.89
N LEU A 32 3.24 -26.04 -14.96
CA LEU A 32 2.75 -27.21 -14.08
C LEU A 32 3.56 -27.28 -12.79
N GLY A 33 3.80 -26.14 -12.17
CA GLY A 33 4.82 -26.05 -11.11
C GLY A 33 4.36 -26.42 -9.73
N LEU A 34 5.17 -27.24 -9.06
CA LEU A 34 4.98 -27.57 -7.65
C LEU A 34 6.28 -27.38 -6.92
N VAL A 35 6.21 -26.70 -5.77
CA VAL A 35 7.45 -26.45 -5.05
C VAL A 35 7.46 -26.90 -3.65
N GLY A 36 8.69 -27.03 -3.13
CA GLY A 36 8.93 -27.40 -1.74
C GLY A 36 8.14 -28.64 -1.36
N ASP A 37 7.34 -28.47 -0.31
CA ASP A 37 6.69 -29.64 0.30
C ASP A 37 5.40 -30.04 -0.37
N ASN A 38 4.97 -29.27 -1.35
CA ASN A 38 3.80 -29.59 -2.11
C ASN A 38 4.18 -30.42 -3.35
N ALA A 39 5.49 -30.60 -3.55
CA ALA A 39 6.02 -31.38 -4.68
C ALA A 39 6.13 -32.82 -4.27
N PRO A 40 5.42 -33.74 -4.96
CA PRO A 40 5.56 -35.18 -4.63
C PRO A 40 7.01 -35.65 -4.75
N ALA A 41 7.34 -36.80 -4.15
CA ALA A 41 8.73 -37.28 -4.14
C ALA A 41 9.38 -37.53 -5.53
N LEU A 42 8.65 -38.11 -6.51
CA LEU A 42 9.25 -38.36 -7.86
C LEU A 42 9.34 -37.13 -8.79
N TYR A 43 8.57 -36.09 -8.44
CA TYR A 43 8.58 -34.82 -9.16
C TYR A 43 9.88 -34.02 -8.92
N PRO A 44 10.49 -33.46 -9.97
CA PRO A 44 11.81 -32.87 -9.73
C PRO A 44 11.76 -31.58 -8.95
N ASN A 45 12.90 -31.16 -8.43
CA ASN A 45 13.02 -29.93 -7.69
C ASN A 45 12.90 -28.76 -8.71
N TYR A 46 11.83 -27.97 -8.64
CA TYR A 46 11.53 -27.05 -9.74
C TYR A 46 12.64 -26.08 -10.05
N TRP A 47 13.17 -25.39 -9.02
CA TRP A 47 14.15 -24.34 -9.29
C TRP A 47 15.57 -24.87 -9.29
N GLY A 48 15.95 -25.45 -10.43
CA GLY A 48 17.32 -25.89 -10.67
C GLY A 48 17.53 -27.38 -10.81
N GLY A 49 16.47 -28.17 -10.53
CA GLY A 49 16.52 -29.63 -10.61
C GLY A 49 17.66 -30.10 -9.75
N ASN A 50 18.54 -30.91 -10.32
CA ASN A 50 19.81 -31.32 -9.67
C ASN A 50 21.02 -30.61 -10.17
N LYS A 51 20.82 -29.73 -11.12
CA LYS A 51 21.94 -29.08 -11.76
C LYS A 51 22.46 -27.87 -10.98
N PHE A 52 21.56 -27.17 -10.27
CA PHE A 52 21.89 -25.97 -9.50
C PHE A 52 20.71 -25.62 -8.64
N LYS A 53 20.78 -26.02 -7.37
CA LYS A 53 19.69 -25.86 -6.42
C LYS A 53 19.51 -24.34 -6.14
N VAL A 54 18.64 -23.67 -6.90
CA VAL A 54 18.61 -22.22 -6.92
C VAL A 54 18.45 -21.61 -5.52
N ILE A 55 17.42 -22.03 -4.80
CA ILE A 55 17.18 -21.46 -3.49
C ILE A 55 18.33 -21.76 -2.50
N GLU A 56 18.71 -23.02 -2.37
CA GLU A 56 19.70 -23.41 -1.40
C GLU A 56 21.08 -22.74 -1.62
N GLU A 57 21.52 -22.67 -2.87
CA GLU A 57 22.84 -22.16 -3.23
C GLU A 57 22.93 -20.66 -3.11
N LEU A 58 21.88 -19.97 -3.59
CA LEU A 58 21.86 -18.51 -3.53
C LEU A 58 21.83 -17.98 -2.08
N ARG A 59 21.18 -18.74 -1.17
CA ARG A 59 21.17 -18.47 0.28
C ARG A 59 22.57 -18.69 0.85
N LYS A 60 23.20 -19.80 0.50
CA LYS A 60 24.60 -20.10 0.86
C LYS A 60 25.57 -18.98 0.44
N GLN A 61 25.32 -18.32 -0.68
CA GLN A 61 26.12 -17.15 -1.07
C GLN A 61 25.63 -15.84 -0.45
N GLY A 62 24.69 -15.94 0.50
CA GLY A 62 24.17 -14.81 1.28
C GLY A 62 23.18 -13.85 0.63
N TYR A 63 22.37 -14.34 -0.31
CA TYR A 63 21.26 -13.56 -0.88
C TYR A 63 19.94 -13.98 -0.24
N ASN A 64 19.02 -13.06 -0.01
CA ASN A 64 17.69 -13.39 0.50
C ASN A 64 16.79 -13.75 -0.70
N VAL A 65 16.57 -15.05 -0.89
CA VAL A 65 15.77 -15.50 -2.04
C VAL A 65 14.60 -16.43 -1.64
N HIS A 66 13.47 -16.33 -2.34
CA HIS A 66 12.35 -17.25 -2.08
C HIS A 66 11.69 -17.89 -3.28
N GLN A 67 10.95 -18.95 -3.00
CA GLN A 67 10.26 -19.79 -4.01
C GLN A 67 8.74 -19.71 -3.76
N ALA A 68 8.03 -18.79 -4.41
CA ALA A 68 6.59 -18.76 -4.36
C ALA A 68 5.99 -20.10 -4.79
N SER A 69 4.90 -20.41 -4.08
CA SER A 69 4.05 -21.56 -4.37
C SER A 69 2.65 -21.06 -4.69
N VAL A 70 2.28 -21.17 -5.96
CA VAL A 70 0.95 -20.77 -6.40
C VAL A 70 0.32 -21.89 -7.22
N SER A 71 -0.96 -21.71 -7.54
CA SER A 71 -1.71 -22.72 -8.28
C SER A 71 -1.00 -23.25 -9.52
N ALA A 72 -0.98 -24.59 -9.66
CA ALA A 72 -0.37 -25.19 -10.86
C ALA A 72 -1.28 -25.18 -12.10
N PHE A 73 -2.60 -25.22 -11.95
CA PHE A 73 -3.48 -25.29 -13.13
C PHE A 73 -4.40 -24.04 -13.23
N GLY A 74 -4.36 -23.20 -12.18
CA GLY A 74 -5.21 -22.01 -12.08
C GLY A 74 -4.95 -20.92 -13.14
N SER A 75 -5.89 -20.01 -13.28
CA SER A 75 -5.67 -18.86 -14.15
C SER A 75 -4.59 -17.92 -13.60
N ASN A 76 -4.00 -17.09 -14.46
CA ASN A 76 -3.15 -16.00 -14.05
C ASN A 76 -3.84 -15.13 -13.00
N TYR A 77 -5.15 -14.90 -13.15
CA TYR A 77 -5.83 -14.16 -12.14
C TYR A 77 -5.73 -14.84 -10.76
N ASP A 78 -6.16 -16.10 -10.67
CA ASP A 78 -6.21 -16.82 -9.43
C ASP A 78 -4.82 -16.83 -8.81
N ARG A 79 -3.84 -17.14 -9.64
CA ARG A 79 -2.41 -17.19 -9.31
C ARG A 79 -1.81 -15.85 -8.87
N ALA A 80 -2.30 -14.75 -9.46
CA ALA A 80 -1.76 -13.44 -9.13
C ALA A 80 -2.23 -13.06 -7.73
N VAL A 81 -3.47 -13.42 -7.41
CA VAL A 81 -4.02 -13.19 -6.07
C VAL A 81 -3.17 -13.99 -5.10
N GLN A 82 -2.92 -15.26 -5.43
CA GLN A 82 -2.19 -16.14 -4.55
C GLN A 82 -0.75 -15.67 -4.32
N LEU A 83 -0.14 -15.12 -5.37
CA LEU A 83 1.21 -14.60 -5.26
C LEU A 83 1.28 -13.48 -4.26
N TYR A 84 0.29 -12.59 -4.29
CA TYR A 84 0.29 -11.46 -3.39
C TYR A 84 0.21 -11.99 -1.94
N TYR A 85 -0.74 -12.91 -1.68
CA TYR A 85 -0.84 -13.51 -0.34
C TYR A 85 0.37 -14.35 0.07
N TYR A 86 1.09 -14.89 -0.90
CA TYR A 86 2.31 -15.61 -0.55
C TYR A 86 3.36 -14.65 0.02
N ILE A 87 3.45 -13.46 -0.59
CA ILE A 87 4.40 -12.46 -0.21
C ILE A 87 3.95 -11.77 1.09
N LYS A 88 2.72 -11.25 1.11
CA LYS A 88 2.17 -10.47 2.22
C LYS A 88 1.79 -11.28 3.45
N GLY A 89 1.38 -12.53 3.25
CA GLY A 89 0.68 -13.30 4.29
C GLY A 89 -0.80 -12.92 4.30
N GLY A 90 -1.63 -13.87 4.76
CA GLY A 90 -3.08 -13.68 4.89
C GLY A 90 -3.84 -14.77 4.11
N ARG A 91 -5.17 -14.67 4.17
CA ARG A 91 -6.11 -15.56 3.54
C ARG A 91 -6.36 -15.09 2.11
N VAL A 92 -6.27 -16.01 1.15
CA VAL A 92 -6.46 -15.69 -0.25
C VAL A 92 -7.89 -15.26 -0.44
N ASP A 93 -8.07 -14.06 -1.00
CA ASP A 93 -9.39 -13.56 -1.44
C ASP A 93 -9.37 -13.23 -2.95
N TYR A 94 -10.12 -14.03 -3.73
CA TYR A 94 -10.12 -13.88 -5.19
C TYR A 94 -10.97 -12.71 -5.65
N GLY A 95 -11.69 -12.09 -4.69
CA GLY A 95 -12.65 -11.05 -5.00
C GLY A 95 -14.07 -11.57 -5.20
N ALA A 96 -15.03 -10.91 -4.57
CA ALA A 96 -16.43 -11.34 -4.60
C ALA A 96 -17.05 -11.37 -5.99
N ALA A 97 -16.72 -10.37 -6.79
CA ALA A 97 -17.26 -10.21 -8.16
C ALA A 97 -16.73 -11.33 -9.09
N HIS A 98 -15.42 -11.53 -9.01
CA HIS A 98 -14.70 -12.54 -9.75
C HIS A 98 -15.27 -13.93 -9.42
N ALA A 99 -15.23 -14.27 -8.14
CA ALA A 99 -15.89 -15.47 -7.60
C ALA A 99 -17.27 -15.73 -8.21
N ALA A 100 -18.06 -14.68 -8.23
CA ALA A 100 -19.44 -14.81 -8.60
C ALA A 100 -19.52 -15.02 -10.08
N LYS A 101 -18.66 -14.33 -10.84
CA LYS A 101 -18.68 -14.34 -12.28
C LYS A 101 -18.30 -15.75 -12.83
N TYR A 102 -17.34 -16.43 -12.19
CA TYR A 102 -16.79 -17.65 -12.75
C TYR A 102 -17.29 -18.93 -12.12
N GLY A 103 -17.80 -18.75 -10.89
CA GLY A 103 -18.38 -19.82 -10.14
C GLY A 103 -17.45 -20.54 -9.20
N HIS A 104 -16.35 -19.93 -8.72
CA HIS A 104 -15.54 -20.56 -7.68
C HIS A 104 -15.69 -19.88 -6.34
N GLU A 105 -15.09 -20.49 -5.34
CA GLU A 105 -14.96 -19.96 -4.01
C GLU A 105 -14.28 -18.63 -4.03
N ARG A 106 -14.80 -17.73 -3.19
CA ARG A 106 -14.17 -16.47 -2.93
C ARG A 106 -12.87 -16.59 -2.14
N TYR A 107 -12.83 -17.48 -1.15
CA TYR A 107 -11.66 -17.51 -0.27
C TYR A 107 -10.92 -18.80 -0.40
N GLY A 108 -9.59 -18.75 -0.38
CA GLY A 108 -8.77 -19.92 -0.46
C GLY A 108 -7.91 -20.21 0.75
N LYS A 109 -6.72 -20.75 0.50
CA LYS A 109 -5.75 -21.06 1.56
C LYS A 109 -5.21 -19.81 2.22
N THR A 110 -4.56 -20.02 3.35
CA THR A 110 -4.07 -18.87 4.03
C THR A 110 -2.55 -18.99 4.24
N TYR A 111 -1.75 -18.04 3.74
CA TYR A 111 -0.25 -18.08 3.78
C TYR A 111 0.36 -17.34 4.99
N LYS A 112 1.50 -17.82 5.48
CA LYS A 112 2.23 -17.14 6.57
C LYS A 112 2.71 -15.77 6.14
N GLY A 113 3.37 -15.69 4.98
CA GLY A 113 3.85 -14.39 4.43
C GLY A 113 5.36 -14.38 4.44
N ILE A 114 5.97 -13.85 3.37
CA ILE A 114 7.41 -13.86 3.30
C ILE A 114 7.94 -12.55 3.87
N MET A 115 7.08 -11.53 3.79
CA MET A 115 7.28 -10.30 4.50
C MET A 115 5.92 -9.71 4.85
N PRO A 116 5.41 -9.90 6.11
CA PRO A 116 4.08 -9.38 6.50
C PRO A 116 3.99 -7.85 6.44
N ASN A 117 5.16 -7.22 6.33
CA ASN A 117 5.39 -5.78 6.27
C ASN A 117 5.22 -5.07 4.95
N TRP A 118 4.91 -5.83 3.91
CA TRP A 118 5.01 -5.37 2.52
C TRP A 118 3.97 -4.30 2.23
N GLU A 119 4.45 -3.21 1.65
CA GLU A 119 3.69 -1.97 1.44
C GLU A 119 4.63 -1.02 0.68
N PRO A 120 4.08 0.08 0.10
CA PRO A 120 4.88 1.07 -0.64
C PRO A 120 6.17 1.48 0.07
N GLY A 121 7.28 1.54 -0.65
CA GLY A 121 8.58 1.77 -0.02
C GLY A 121 9.35 0.52 0.36
N LYS A 122 8.68 -0.63 0.57
CA LYS A 122 9.41 -1.89 0.83
C LYS A 122 9.37 -2.77 -0.43
N LYS A 123 10.42 -2.74 -1.23
CA LYS A 123 10.38 -3.38 -2.56
C LYS A 123 10.77 -4.88 -2.60
N VAL A 124 10.36 -5.56 -3.65
CA VAL A 124 10.60 -6.99 -3.85
C VAL A 124 11.08 -7.18 -5.31
N HIS A 125 12.05 -8.09 -5.57
CA HIS A 125 12.42 -8.45 -6.98
C HIS A 125 11.56 -9.65 -7.45
N LEU A 126 11.01 -9.59 -8.66
CA LEU A 126 10.15 -10.70 -9.15
C LEU A 126 10.76 -11.42 -10.35
N VAL A 127 11.16 -12.66 -10.16
CA VAL A 127 11.53 -13.47 -11.34
C VAL A 127 10.61 -14.65 -11.61
N GLY A 128 10.00 -14.62 -12.79
CA GLY A 128 9.03 -15.67 -13.23
C GLY A 128 9.57 -16.59 -14.33
N HIS A 129 9.41 -17.90 -14.15
CA HIS A 129 9.64 -18.82 -15.24
C HIS A 129 8.31 -19.07 -15.96
N ALA A 130 8.36 -19.00 -17.28
CA ALA A 130 7.20 -19.36 -18.10
C ALA A 130 5.96 -18.58 -17.63
N MET A 131 4.84 -19.26 -17.36
CA MET A 131 3.60 -18.57 -16.89
C MET A 131 3.80 -17.69 -15.68
N GLY A 132 4.84 -17.97 -14.90
CA GLY A 132 5.19 -17.14 -13.78
C GLY A 132 5.39 -15.68 -14.17
N GLY A 133 6.00 -15.47 -15.33
CA GLY A 133 6.17 -14.11 -15.92
C GLY A 133 4.88 -13.36 -16.16
N GLN A 134 3.84 -14.06 -16.63
CA GLN A 134 2.50 -13.52 -16.77
C GLN A 134 1.91 -13.23 -15.39
N THR A 135 2.05 -14.15 -14.46
CA THR A 135 1.48 -14.00 -13.12
C THR A 135 2.06 -12.73 -12.43
N ILE A 136 3.37 -12.53 -12.52
CA ILE A 136 4.10 -11.36 -12.00
C ILE A 136 3.46 -10.07 -12.54
N ARG A 137 3.32 -9.99 -13.85
CA ARG A 137 2.78 -8.81 -14.49
C ARG A 137 1.38 -8.46 -13.95
N LEU A 138 0.48 -9.45 -13.87
CA LEU A 138 -0.91 -9.25 -13.42
C LEU A 138 -0.98 -8.79 -11.99
N MET A 139 -0.14 -9.38 -11.12
CA MET A 139 -0.13 -8.97 -9.73
C MET A 139 0.24 -7.50 -9.57
N GLU A 140 1.35 -7.10 -10.21
CA GLU A 140 1.74 -5.71 -10.23
C GLU A 140 0.64 -4.80 -10.77
N GLU A 141 -0.01 -5.15 -11.88
CA GLU A 141 -1.15 -4.33 -12.34
C GLU A 141 -2.24 -4.12 -11.31
N PHE A 142 -2.56 -5.15 -10.54
CA PHE A 142 -3.54 -5.00 -9.48
C PHE A 142 -3.03 -4.04 -8.39
N LEU A 143 -1.76 -4.20 -7.97
CA LEU A 143 -1.22 -3.37 -6.90
C LEU A 143 -1.39 -1.88 -7.26
N ARG A 144 -0.87 -1.55 -8.44
CA ARG A 144 -0.86 -0.23 -9.03
C ARG A 144 -2.18 0.33 -9.51
N ASN A 145 -2.97 -0.39 -10.31
CA ASN A 145 -4.24 0.20 -10.80
C ASN A 145 -5.51 -0.40 -10.19
N GLY A 146 -5.38 -1.37 -9.28
CA GLY A 146 -6.57 -2.10 -8.77
C GLY A 146 -7.30 -3.02 -9.76
N ASN A 147 -8.52 -3.40 -9.40
CA ASN A 147 -9.39 -4.14 -10.27
C ASN A 147 -10.76 -3.43 -10.32
N LYS A 148 -11.10 -2.86 -11.48
CA LYS A 148 -12.35 -2.04 -11.63
C LYS A 148 -13.56 -2.79 -11.09
N GLU A 149 -13.72 -4.03 -11.55
CA GLU A 149 -14.88 -4.89 -11.28
C GLU A 149 -15.12 -5.07 -9.76
N GLU A 150 -14.04 -5.37 -9.03
CA GLU A 150 -14.13 -5.52 -7.58
C GLU A 150 -14.32 -4.18 -6.86
N ILE A 151 -13.71 -3.09 -7.35
CA ILE A 151 -13.91 -1.81 -6.72
C ILE A 151 -15.38 -1.41 -6.83
N ALA A 152 -15.99 -1.62 -8.02
CA ALA A 152 -17.42 -1.35 -8.24
C ALA A 152 -18.25 -2.18 -7.34
N TYR A 153 -17.89 -3.44 -7.21
CA TYR A 153 -18.67 -4.36 -6.39
C TYR A 153 -18.67 -3.96 -4.90
N HIS A 154 -17.49 -3.62 -4.37
CA HIS A 154 -17.30 -3.11 -3.00
C HIS A 154 -18.02 -1.76 -2.78
N GLN A 155 -17.94 -0.84 -3.76
CA GLN A 155 -18.78 0.38 -3.81
C GLN A 155 -20.27 0.10 -3.62
N ALA A 156 -20.83 -0.89 -4.32
CA ALA A 156 -22.24 -1.27 -4.16
C ALA A 156 -22.53 -2.04 -2.86
N HIS A 157 -21.72 -3.03 -2.51
CA HIS A 157 -22.10 -4.05 -1.49
C HIS A 157 -21.28 -3.97 -0.19
N GLY A 158 -20.40 -2.97 -0.10
CA GLY A 158 -19.61 -2.67 1.12
C GLY A 158 -18.58 -3.73 1.50
N GLY A 159 -18.64 -4.14 2.77
CA GLY A 159 -17.81 -5.19 3.33
C GLY A 159 -16.31 -5.03 3.15
N GLU A 160 -15.67 -6.17 2.91
CA GLU A 160 -14.22 -6.20 2.73
C GLU A 160 -13.81 -6.27 1.26
N ILE A 161 -12.58 -5.83 1.03
CA ILE A 161 -11.97 -5.83 -0.27
C ILE A 161 -10.48 -6.07 -0.03
N SER A 162 -9.90 -6.99 -0.77
CA SER A 162 -8.48 -7.17 -0.74
C SER A 162 -7.72 -5.88 -1.14
N PRO A 163 -6.68 -5.52 -0.36
CA PRO A 163 -5.84 -4.35 -0.76
C PRO A 163 -5.30 -4.51 -2.19
N LEU A 164 -5.13 -5.77 -2.60
CA LEU A 164 -4.71 -6.05 -3.92
C LEU A 164 -5.62 -5.41 -4.97
N PHE A 165 -6.92 -5.30 -4.67
CA PHE A 165 -7.88 -4.84 -5.68
C PHE A 165 -8.11 -3.34 -5.73
N THR A 166 -7.42 -2.67 -4.84
CA THR A 166 -7.77 -1.32 -4.41
C THR A 166 -7.12 -0.18 -5.19
N GLY A 167 -5.90 -0.40 -5.68
CA GLY A 167 -5.15 0.58 -6.48
C GLY A 167 -4.24 1.47 -5.62
N GLY A 168 -3.37 2.25 -6.29
CA GLY A 168 -2.49 3.21 -5.64
C GLY A 168 -1.23 2.70 -4.92
N HIS A 169 -1.06 1.39 -4.91
CA HIS A 169 0.10 0.74 -4.31
C HIS A 169 1.24 0.83 -5.32
N ASN A 170 2.23 1.65 -5.00
CA ASN A 170 3.38 1.89 -5.88
C ASN A 170 4.64 1.56 -5.13
N ASN A 171 5.76 1.48 -5.82
CA ASN A 171 7.03 1.15 -5.12
C ASN A 171 6.92 -0.10 -4.29
N MET A 172 6.36 -1.16 -4.88
CA MET A 172 6.32 -2.43 -4.16
C MET A 172 7.18 -3.47 -4.82
N VAL A 173 7.51 -3.20 -6.09
CA VAL A 173 8.31 -4.10 -6.86
C VAL A 173 9.40 -3.35 -7.62
N ALA A 174 10.65 -3.72 -7.38
CA ALA A 174 11.80 -3.14 -8.05
C ALA A 174 12.00 -3.60 -9.48
N SER A 175 11.81 -4.90 -9.69
CA SER A 175 12.08 -5.51 -10.98
C SER A 175 11.08 -6.64 -11.33
N ILE A 176 10.82 -6.75 -12.63
CA ILE A 176 10.09 -7.89 -13.22
C ILE A 176 11.02 -8.51 -14.26
N THR A 177 11.42 -9.73 -14.00
CA THR A 177 12.30 -10.39 -14.93
C THR A 177 11.70 -11.79 -15.31
N THR A 178 11.49 -12.02 -16.62
CA THR A 178 10.84 -13.26 -17.11
C THR A 178 11.80 -14.18 -17.89
N LEU A 179 11.68 -15.50 -17.65
CA LEU A 179 12.46 -16.58 -18.30
C LEU A 179 11.53 -17.47 -19.10
N ALA A 180 11.61 -17.44 -20.44
CA ALA A 180 10.79 -18.28 -21.34
C ALA A 180 9.27 -18.15 -21.11
N THR A 181 8.83 -16.94 -20.79
CA THR A 181 7.42 -16.59 -20.56
C THR A 181 6.65 -16.37 -21.85
N PRO A 182 5.51 -17.07 -22.01
CA PRO A 182 4.75 -16.86 -23.24
C PRO A 182 3.90 -15.57 -23.20
N HIS A 183 4.56 -14.42 -23.27
CA HIS A 183 3.85 -13.13 -23.25
C HIS A 183 2.75 -13.02 -24.29
N ASN A 184 3.00 -13.65 -25.43
CA ASN A 184 2.00 -13.65 -26.47
C ASN A 184 1.37 -14.99 -26.70
N GLY A 185 1.25 -15.82 -25.65
CA GLY A 185 0.57 -17.10 -25.81
C GLY A 185 1.43 -18.14 -26.52
N SER A 186 0.87 -19.33 -26.75
CA SER A 186 1.55 -20.39 -27.39
C SER A 186 0.56 -21.28 -28.06
N GLN A 187 0.91 -21.71 -29.23
CA GLN A 187 -0.05 -22.42 -29.99
C GLN A 187 -0.14 -23.88 -29.52
N ALA A 188 0.83 -24.23 -28.67
CA ALA A 188 0.75 -25.44 -27.89
C ALA A 188 -0.42 -25.37 -26.95
N ALA A 189 -0.84 -24.18 -26.49
CA ALA A 189 -2.10 -24.14 -25.74
C ALA A 189 -3.33 -24.24 -26.65
N ASP A 190 -3.36 -23.41 -27.70
CA ASP A 190 -4.49 -23.33 -28.63
C ASP A 190 -4.83 -24.68 -29.23
N LYS A 191 -3.82 -25.44 -29.62
CA LYS A 191 -4.08 -26.62 -30.42
C LYS A 191 -4.04 -27.95 -29.67
N PHE A 192 -3.65 -27.92 -28.41
CA PHE A 192 -3.47 -29.12 -27.63
C PHE A 192 -3.55 -28.62 -26.25
N GLY A 193 -4.40 -29.08 -25.42
CA GLY A 193 -3.87 -28.44 -24.12
C GLY A 193 -4.87 -27.52 -23.52
N ASN A 194 -5.38 -26.59 -24.33
CA ASN A 194 -6.70 -26.05 -24.13
C ASN A 194 -7.87 -26.75 -24.84
N THR A 195 -7.63 -27.85 -25.55
CA THR A 195 -8.79 -28.65 -26.11
C THR A 195 -9.65 -29.32 -25.01
N GLU A 196 -10.93 -29.56 -25.29
CA GLU A 196 -11.79 -30.30 -24.34
C GLU A 196 -11.12 -31.61 -23.88
N ALA A 197 -10.51 -32.31 -24.83
CA ALA A 197 -9.87 -33.56 -24.55
C ALA A 197 -8.79 -33.42 -23.52
N VAL A 198 -7.87 -32.47 -23.70
CA VAL A 198 -6.85 -32.38 -22.68
C VAL A 198 -7.29 -31.77 -21.35
N ARG A 199 -8.11 -30.73 -21.40
CA ARG A 199 -8.64 -30.14 -20.14
C ARG A 199 -9.36 -31.19 -19.30
N LYS A 200 -10.23 -32.02 -19.91
CA LYS A 200 -10.92 -33.07 -19.14
C LYS A 200 -9.95 -34.00 -18.45
N ILE A 201 -8.88 -34.42 -19.13
CA ILE A 201 -7.85 -35.25 -18.48
C ILE A 201 -7.26 -34.51 -17.29
N MET A 202 -6.78 -33.27 -17.55
CA MET A 202 -6.18 -32.47 -16.45
C MET A 202 -7.14 -32.26 -15.26
N PHE A 203 -8.42 -32.05 -15.54
CA PHE A 203 -9.32 -31.79 -14.45
C PHE A 203 -9.61 -33.09 -13.66
N ALA A 204 -9.67 -34.23 -14.36
CA ALA A 204 -9.76 -35.49 -13.64
C ALA A 204 -8.52 -35.68 -12.73
N LEU A 205 -7.30 -35.36 -13.24
CA LEU A 205 -6.12 -35.47 -12.39
C LEU A 205 -6.35 -34.65 -11.11
N ASN A 206 -6.85 -33.43 -11.28
CA ASN A 206 -7.07 -32.51 -10.16
C ASN A 206 -8.11 -33.09 -9.22
N ARG A 207 -9.17 -33.69 -9.79
CA ARG A 207 -10.19 -34.31 -8.99
C ARG A 207 -9.58 -35.40 -8.09
N PHE A 208 -8.87 -36.32 -8.74
CA PHE A 208 -8.24 -37.40 -8.04
C PHE A 208 -7.30 -36.85 -6.97
N MET A 209 -6.53 -35.81 -7.33
CA MET A 209 -5.48 -35.38 -6.43
C MET A 209 -6.04 -34.59 -5.28
N GLY A 210 -7.34 -34.32 -5.29
CA GLY A 210 -7.95 -33.69 -4.15
C GLY A 210 -8.74 -34.68 -3.32
N ASN A 211 -8.39 -35.98 -3.41
CA ASN A 211 -9.03 -36.97 -2.56
C ASN A 211 -8.57 -36.79 -1.09
N LYS A 212 -9.37 -37.27 -0.14
CA LYS A 212 -9.12 -37.02 1.32
C LYS A 212 -7.74 -37.47 1.80
N TYR A 213 -7.10 -38.36 1.08
CA TYR A 213 -5.77 -38.78 1.50
C TYR A 213 -4.70 -38.02 0.77
N SER A 214 -5.09 -37.23 -0.22
CA SER A 214 -4.09 -36.52 -1.03
C SER A 214 -3.12 -35.64 -0.29
N ASN A 215 -1.86 -35.92 -0.54
CA ASN A 215 -0.78 -35.18 0.07
C ASN A 215 -0.66 -33.82 -0.61
N ILE A 216 -0.65 -33.81 -1.94
CA ILE A 216 -0.44 -32.58 -2.69
C ILE A 216 -1.66 -31.80 -3.15
N ASP A 217 -1.37 -30.56 -3.53
CA ASP A 217 -2.38 -29.56 -3.97
C ASP A 217 -2.08 -28.92 -5.35
N LEU A 218 -2.90 -29.29 -6.33
CA LEU A 218 -2.65 -28.93 -7.72
C LEU A 218 -3.19 -27.53 -8.14
N GLY A 219 -3.89 -26.85 -7.22
CA GLY A 219 -4.30 -25.45 -7.42
C GLY A 219 -5.72 -25.18 -7.90
N LEU A 220 -6.64 -26.09 -7.69
CA LEU A 220 -8.00 -25.88 -8.20
C LEU A 220 -9.01 -26.21 -7.13
N THR A 221 -8.55 -26.25 -5.90
CA THR A 221 -9.44 -26.52 -4.75
C THR A 221 -10.58 -25.50 -4.65
N GLN A 222 -10.39 -24.26 -5.12
CA GLN A 222 -11.47 -23.26 -5.13
C GLN A 222 -12.67 -23.67 -5.99
N TRP A 223 -12.44 -24.61 -6.93
CA TRP A 223 -13.49 -25.05 -7.83
C TRP A 223 -14.30 -26.22 -7.26
N GLY A 224 -13.95 -26.67 -6.04
CA GLY A 224 -14.61 -27.82 -5.41
C GLY A 224 -13.73 -29.05 -5.26
N PHE A 225 -12.57 -29.12 -5.93
CA PHE A 225 -11.70 -30.33 -5.97
C PHE A 225 -10.94 -30.65 -4.70
N LYS A 226 -11.69 -30.76 -3.62
CA LYS A 226 -11.22 -31.30 -2.35
C LYS A 226 -12.38 -32.09 -1.80
N GLN A 227 -12.14 -33.38 -1.63
CA GLN A 227 -13.10 -34.28 -1.01
C GLN A 227 -13.22 -33.94 0.47
N LEU A 228 -14.45 -33.73 0.94
CA LEU A 228 -14.74 -33.45 2.36
C LEU A 228 -14.52 -34.68 3.26
N PRO A 229 -14.47 -34.50 4.59
CA PRO A 229 -13.91 -35.60 5.41
C PRO A 229 -14.81 -36.83 5.50
N ASN A 230 -16.13 -36.63 5.60
CA ASN A 230 -17.09 -37.76 5.60
C ASN A 230 -17.91 -37.85 4.34
N GLU A 231 -17.28 -37.58 3.20
CA GLU A 231 -17.99 -37.64 1.93
C GLU A 231 -17.41 -38.77 1.10
N SER A 232 -18.28 -39.61 0.52
CA SER A 232 -17.76 -40.72 -0.28
C SER A 232 -17.18 -40.20 -1.59
N TYR A 233 -16.21 -40.93 -2.14
CA TYR A 233 -15.61 -40.63 -3.42
C TYR A 233 -16.69 -40.51 -4.52
N ILE A 234 -17.74 -41.34 -4.50
CA ILE A 234 -18.82 -41.22 -5.53
C ILE A 234 -19.53 -39.89 -5.38
N ASP A 235 -19.77 -39.47 -4.13
CA ASP A 235 -20.52 -38.23 -3.85
C ASP A 235 -19.73 -36.99 -4.21
N TYR A 236 -18.44 -37.03 -3.87
CA TYR A 236 -17.42 -36.14 -4.37
C TYR A 236 -17.45 -35.95 -5.88
N ILE A 237 -17.39 -37.05 -6.64
CA ILE A 237 -17.42 -36.93 -8.07
C ILE A 237 -18.70 -36.25 -8.56
N LYS A 238 -19.85 -36.67 -8.01
CA LYS A 238 -21.13 -36.06 -8.36
C LYS A 238 -21.13 -34.56 -8.08
N ARG A 239 -20.70 -34.14 -6.87
CA ARG A 239 -20.68 -32.73 -6.49
C ARG A 239 -19.94 -31.88 -7.54
N VAL A 240 -18.70 -32.25 -7.73
CA VAL A 240 -17.72 -31.58 -8.48
C VAL A 240 -17.94 -31.68 -9.98
N SER A 241 -18.78 -32.61 -10.44
CA SER A 241 -19.14 -32.65 -11.86
C SER A 241 -20.05 -31.48 -12.26
N LYS A 242 -20.62 -30.82 -11.27
CA LYS A 242 -21.49 -29.68 -11.48
C LYS A 242 -20.68 -28.37 -11.51
N SER A 243 -19.38 -28.42 -11.19
CA SER A 243 -18.55 -27.25 -11.16
C SER A 243 -18.43 -26.59 -12.53
N LYS A 244 -18.34 -25.28 -12.53
CA LYS A 244 -18.15 -24.51 -13.77
C LYS A 244 -16.74 -24.68 -14.37
N ILE A 245 -15.77 -25.18 -13.59
CA ILE A 245 -14.40 -25.44 -14.11
C ILE A 245 -14.35 -26.20 -15.46
N TRP A 246 -15.22 -27.21 -15.67
CA TRP A 246 -15.16 -28.09 -16.84
C TRP A 246 -15.32 -27.24 -18.08
N THR A 247 -15.98 -26.08 -17.95
CA THR A 247 -16.15 -25.19 -19.11
C THR A 247 -15.53 -23.76 -19.01
N SER A 248 -15.06 -23.32 -17.85
CA SER A 248 -14.56 -21.95 -17.66
C SER A 248 -13.28 -21.56 -18.41
N ASP A 249 -13.20 -20.35 -18.91
CA ASP A 249 -11.93 -19.71 -19.25
C ASP A 249 -11.04 -19.40 -18.07
N ASP A 250 -11.55 -19.40 -16.85
CA ASP A 250 -10.73 -19.02 -15.68
C ASP A 250 -9.76 -20.13 -15.20
N ASN A 251 -8.84 -20.52 -16.08
CA ASN A 251 -7.82 -21.58 -15.79
C ASN A 251 -6.58 -21.37 -16.65
N ALA A 252 -5.45 -21.95 -16.23
CA ALA A 252 -4.19 -21.80 -17.01
C ALA A 252 -4.27 -22.12 -18.48
N ALA A 253 -5.00 -23.19 -18.85
CA ALA A 253 -4.96 -23.57 -20.30
C ALA A 253 -5.49 -22.46 -21.19
N TYR A 254 -6.58 -21.81 -20.77
CA TYR A 254 -7.09 -20.71 -21.60
C TYR A 254 -6.08 -19.50 -21.57
N ASP A 255 -5.56 -19.16 -20.39
CA ASP A 255 -4.69 -18.01 -20.35
C ASP A 255 -3.43 -18.20 -21.18
N LEU A 256 -3.04 -19.44 -21.43
CA LEU A 256 -1.81 -19.67 -22.21
C LEU A 256 -2.04 -19.57 -23.74
N THR A 257 -3.32 -19.55 -24.18
CA THR A 257 -3.61 -19.39 -25.60
C THR A 257 -3.19 -17.97 -26.15
N LEU A 258 -3.11 -17.83 -27.48
CA LEU A 258 -2.87 -16.53 -28.05
C LEU A 258 -3.93 -15.52 -27.57
N ASP A 259 -5.22 -15.87 -27.61
CA ASP A 259 -6.27 -14.96 -27.14
C ASP A 259 -6.16 -14.60 -25.65
N GLY A 260 -5.98 -15.64 -24.85
CA GLY A 260 -5.84 -15.45 -23.43
C GLY A 260 -4.71 -14.50 -23.09
N SER A 261 -3.54 -14.77 -23.65
CA SER A 261 -2.39 -13.95 -23.40
C SER A 261 -2.56 -12.49 -23.96
N ALA A 262 -3.26 -12.34 -25.12
CA ALA A 262 -3.47 -11.04 -25.72
C ALA A 262 -4.40 -10.23 -24.74
N LYS A 263 -5.38 -10.89 -24.10
CA LYS A 263 -6.20 -10.23 -23.09
C LYS A 263 -5.38 -9.64 -21.94
N LEU A 264 -4.45 -10.43 -21.42
CA LEU A 264 -3.55 -9.94 -20.39
C LEU A 264 -2.74 -8.69 -20.87
N ASN A 265 -2.20 -8.77 -22.09
CA ASN A 265 -1.43 -7.68 -22.69
C ASN A 265 -2.24 -6.39 -22.79
N ASN A 266 -3.48 -6.53 -23.24
CA ASN A 266 -4.43 -5.41 -23.34
C ASN A 266 -4.87 -4.71 -22.07
N MET A 267 -4.49 -5.18 -20.90
CA MET A 267 -4.95 -4.57 -19.69
C MET A 267 -3.77 -4.45 -18.70
N THR A 268 -2.55 -4.63 -19.18
CA THR A 268 -1.34 -4.34 -18.37
C THR A 268 -0.63 -3.15 -18.98
N SER A 269 0.33 -2.56 -18.29
CA SER A 269 1.15 -1.47 -18.91
C SER A 269 2.40 -1.25 -18.17
N MET A 270 3.27 -0.43 -18.76
CA MET A 270 4.60 -0.28 -18.19
C MET A 270 4.50 0.53 -16.92
N ASN A 271 5.13 0.06 -15.86
CA ASN A 271 5.37 0.94 -14.73
C ASN A 271 6.66 1.74 -15.03
N PRO A 272 6.59 3.09 -15.12
CA PRO A 272 7.80 3.89 -15.39
C PRO A 272 8.97 3.63 -14.42
N ASN A 273 8.66 3.16 -13.20
CA ASN A 273 9.67 2.85 -12.16
C ASN A 273 10.23 1.47 -12.08
N ILE A 274 9.61 0.48 -12.75
CA ILE A 274 10.05 -0.90 -12.67
C ILE A 274 11.17 -1.24 -13.67
N THR A 275 12.04 -2.17 -13.31
CA THR A 275 13.08 -2.58 -14.23
C THR A 275 12.68 -3.90 -14.88
N TYR A 276 12.43 -3.84 -16.19
CA TYR A 276 11.95 -5.03 -16.94
C TYR A 276 13.00 -5.64 -17.83
N THR A 277 13.07 -6.96 -17.72
CA THR A 277 14.08 -7.72 -18.43
C THR A 277 13.57 -9.16 -18.78
N THR A 278 13.74 -9.61 -20.03
CA THR A 278 13.33 -11.00 -20.48
C THR A 278 14.42 -11.88 -21.13
N TYR A 279 14.38 -13.20 -20.90
CA TYR A 279 15.22 -14.19 -21.60
C TYR A 279 14.38 -15.20 -22.41
N THR A 280 14.98 -15.74 -23.46
CA THR A 280 14.34 -16.62 -24.41
C THR A 280 15.23 -17.77 -24.87
N GLY A 281 14.65 -18.96 -25.06
CA GLY A 281 15.41 -20.07 -25.60
C GLY A 281 14.94 -20.39 -27.01
N VAL A 282 15.84 -20.92 -27.84
CA VAL A 282 15.47 -21.67 -29.07
C VAL A 282 16.05 -23.02 -28.91
N SER A 283 15.31 -24.01 -29.41
CA SER A 283 15.70 -25.40 -29.28
C SER A 283 15.10 -26.15 -30.47
N SER A 284 14.92 -25.42 -31.55
CA SER A 284 14.38 -25.98 -32.78
C SER A 284 15.25 -25.52 -33.96
N HIS A 285 15.22 -26.27 -35.04
CA HIS A 285 16.10 -26.01 -36.20
C HIS A 285 15.25 -26.06 -37.46
N THR A 286 15.64 -25.28 -38.46
CA THR A 286 14.93 -25.25 -39.76
C THR A 286 15.14 -26.47 -40.63
N GLY A 287 14.03 -27.07 -41.08
CA GLY A 287 14.02 -28.06 -42.18
C GLY A 287 14.14 -27.40 -43.57
N PRO A 288 14.12 -28.21 -44.65
CA PRO A 288 14.36 -27.68 -46.03
C PRO A 288 13.24 -26.73 -46.51
N LEU A 289 12.01 -27.24 -46.44
CA LEU A 289 10.70 -26.59 -46.50
C LEU A 289 10.59 -25.17 -45.81
N GLY A 290 11.27 -24.94 -44.69
CA GLY A 290 11.12 -23.70 -43.88
C GLY A 290 10.60 -23.88 -42.43
N TYR A 291 10.04 -25.07 -42.15
CA TYR A 291 9.38 -25.39 -40.87
C TYR A 291 10.38 -25.77 -39.84
N GLU A 292 9.91 -25.95 -38.60
CA GLU A 292 10.82 -25.94 -37.45
C GLU A 292 10.59 -27.19 -36.62
N ASN A 293 11.66 -27.94 -36.36
CA ASN A 293 11.60 -29.22 -35.67
C ASN A 293 12.48 -29.20 -34.43
N PRO A 294 12.15 -30.00 -33.39
CA PRO A 294 12.93 -29.89 -32.13
C PRO A 294 14.32 -30.46 -32.26
N ASP A 295 15.33 -29.78 -31.72
CA ASP A 295 16.71 -30.30 -31.67
C ASP A 295 16.77 -31.55 -30.79
N LEU A 296 17.69 -32.48 -31.10
CA LEU A 296 18.04 -33.53 -30.16
C LEU A 296 18.44 -32.77 -28.90
N GLY A 297 17.92 -33.24 -27.77
CA GLY A 297 18.30 -32.53 -26.54
C GLY A 297 17.22 -31.64 -25.98
N THR A 298 16.12 -31.56 -26.70
CA THR A 298 14.94 -30.89 -26.25
C THR A 298 14.25 -31.96 -25.45
N PHE A 299 13.82 -31.65 -24.23
CA PHE A 299 13.17 -32.60 -23.35
C PHE A 299 12.04 -33.33 -24.04
N PHE A 300 12.26 -34.61 -24.27
CA PHE A 300 11.34 -35.47 -24.99
C PHE A 300 9.86 -35.31 -24.75
N LEU A 301 9.46 -34.70 -23.65
CA LEU A 301 8.03 -34.55 -23.39
C LEU A 301 7.42 -33.40 -24.16
N MET A 302 8.26 -32.49 -24.64
CA MET A 302 7.80 -31.36 -25.39
C MET A 302 8.05 -31.59 -26.86
N ASP A 303 8.23 -32.83 -27.25
CA ASP A 303 8.49 -33.15 -28.63
C ASP A 303 7.29 -32.82 -29.47
N THR A 304 6.14 -33.23 -29.01
CA THR A 304 4.92 -33.00 -29.73
C THR A 304 4.58 -31.53 -29.79
N THR A 305 4.64 -30.83 -28.67
CA THR A 305 4.29 -29.43 -28.65
C THR A 305 5.18 -28.63 -29.58
N SER A 306 6.49 -28.97 -29.57
CA SER A 306 7.48 -28.33 -30.43
C SER A 306 7.06 -28.42 -31.89
N ARG A 307 6.63 -29.61 -32.30
CA ARG A 307 6.21 -29.84 -33.67
C ARG A 307 4.98 -29.02 -34.04
N ILE A 308 3.99 -28.88 -33.13
CA ILE A 308 2.76 -28.12 -33.39
C ILE A 308 3.11 -26.66 -33.63
N ILE A 309 3.90 -26.10 -32.74
CA ILE A 309 4.40 -24.74 -32.92
C ILE A 309 5.24 -24.61 -34.19
N GLY A 310 6.21 -25.49 -34.36
CA GLY A 310 7.15 -25.40 -35.50
C GLY A 310 6.50 -25.53 -36.89
N HIS A 311 5.27 -26.06 -36.93
CA HIS A 311 4.57 -26.27 -38.21
C HIS A 311 3.45 -25.26 -38.46
N ASP A 312 3.60 -24.10 -37.83
CA ASP A 312 2.63 -23.04 -38.00
C ASP A 312 2.64 -22.58 -39.44
N ALA A 313 1.48 -22.19 -39.93
CA ALA A 313 1.50 -21.53 -41.24
C ALA A 313 2.42 -20.26 -41.31
N ARG A 314 2.58 -19.53 -40.21
CA ARG A 314 3.18 -18.19 -40.25
C ARG A 314 4.61 -18.34 -39.79
N GLU A 315 5.56 -18.14 -40.72
CA GLU A 315 7.02 -18.34 -40.47
C GLU A 315 7.51 -17.82 -39.10
N GLU A 316 7.15 -16.58 -38.76
CA GLU A 316 7.58 -15.88 -37.51
C GLU A 316 7.19 -16.65 -36.24
N TRP A 317 6.11 -17.46 -36.31
CA TRP A 317 5.59 -18.19 -35.15
C TRP A 317 6.17 -19.61 -34.91
N ARG A 318 7.18 -19.98 -35.67
CA ARG A 318 7.72 -21.33 -35.68
C ARG A 318 8.89 -21.62 -34.76
N LYS A 319 9.90 -20.75 -34.71
CA LYS A 319 11.02 -21.07 -33.83
C LYS A 319 10.54 -21.08 -32.35
N ASN A 320 10.95 -22.08 -31.58
CA ASN A 320 10.42 -22.29 -30.23
C ASN A 320 11.41 -22.98 -29.30
N ASP A 321 11.05 -23.00 -28.02
CA ASP A 321 11.89 -23.66 -27.02
C ASP A 321 11.30 -25.02 -26.64
N GLY A 322 10.40 -25.54 -27.46
CA GLY A 322 9.75 -26.81 -27.17
C GLY A 322 8.30 -26.59 -26.83
N VAL A 323 7.98 -25.44 -26.24
CA VAL A 323 6.62 -25.22 -25.76
C VAL A 323 6.13 -23.76 -25.90
N VAL A 324 7.07 -22.84 -26.03
CA VAL A 324 6.73 -21.45 -26.34
C VAL A 324 7.57 -20.85 -27.49
N PRO A 325 6.86 -20.28 -28.47
CA PRO A 325 7.52 -19.67 -29.62
C PRO A 325 8.33 -18.44 -29.23
N VAL A 326 9.51 -18.32 -29.82
CA VAL A 326 10.36 -17.14 -29.71
C VAL A 326 9.58 -15.79 -29.72
N ILE A 327 8.75 -15.49 -30.73
CA ILE A 327 8.04 -14.17 -30.85
C ILE A 327 7.20 -13.98 -29.58
N SER A 328 6.90 -15.06 -28.85
CA SER A 328 6.04 -14.92 -27.68
C SER A 328 6.84 -14.59 -26.46
N SER A 329 8.06 -15.12 -26.41
CA SER A 329 8.93 -14.97 -25.25
C SER A 329 9.70 -13.62 -25.12
N LEU A 330 10.17 -13.04 -26.23
CA LEU A 330 10.93 -11.78 -26.27
C LEU A 330 10.30 -10.64 -25.43
N HIS A 331 9.04 -10.28 -25.72
CA HIS A 331 8.32 -9.26 -24.95
C HIS A 331 6.81 -9.30 -25.28
N PRO A 332 5.94 -8.76 -24.39
CA PRO A 332 4.52 -8.59 -24.82
C PRO A 332 4.53 -7.74 -26.10
N SER A 333 3.70 -8.10 -27.08
CA SER A 333 3.88 -7.52 -28.42
C SER A 333 3.47 -6.02 -28.55
N ASN A 334 2.50 -5.64 -27.75
CA ASN A 334 2.00 -4.27 -27.76
C ASN A 334 2.77 -3.34 -26.76
N GLN A 335 3.86 -3.80 -26.13
CA GLN A 335 4.55 -3.05 -25.07
C GLN A 335 6.01 -2.71 -25.48
N PRO A 336 6.53 -1.57 -25.00
CA PRO A 336 7.84 -1.12 -25.53
C PRO A 336 9.01 -1.99 -25.05
N PHE A 337 10.03 -2.11 -25.91
CA PHE A 337 11.14 -3.01 -25.64
C PHE A 337 12.39 -2.48 -26.27
N VAL A 338 13.54 -2.93 -25.78
CA VAL A 338 14.82 -2.61 -26.41
C VAL A 338 15.71 -3.85 -26.38
N ASN A 339 16.28 -4.18 -27.52
CA ASN A 339 17.26 -5.28 -27.57
C ASN A 339 18.55 -4.86 -26.93
N VAL A 340 19.05 -5.74 -26.09
CA VAL A 340 20.09 -5.47 -25.14
C VAL A 340 21.15 -6.54 -25.37
N THR A 341 22.44 -6.20 -25.31
CA THR A 341 23.47 -7.26 -25.34
C THR A 341 23.67 -7.90 -23.94
N ASN A 342 24.44 -8.98 -23.89
CA ASN A 342 24.40 -9.82 -22.69
C ASN A 342 25.19 -9.27 -21.48
N ASN A 343 26.20 -8.44 -21.75
CA ASN A 343 26.98 -7.90 -20.68
C ASN A 343 26.78 -6.46 -20.33
N GLU A 344 26.07 -5.66 -21.13
CA GLU A 344 25.81 -4.26 -20.72
C GLU A 344 25.04 -4.21 -19.40
N PRO A 345 25.24 -3.16 -18.57
CA PRO A 345 24.34 -3.17 -17.40
C PRO A 345 22.88 -3.00 -17.92
N ALA A 346 21.93 -3.68 -17.31
CA ALA A 346 20.53 -3.63 -17.81
C ALA A 346 19.61 -2.92 -16.83
N THR A 347 19.75 -1.60 -16.79
CA THR A 347 19.30 -0.84 -15.61
C THR A 347 18.23 0.18 -15.97
N ARG A 348 17.91 0.22 -17.28
CA ARG A 348 16.89 1.07 -17.87
C ARG A 348 15.48 0.75 -17.30
N ARG A 349 14.77 1.75 -16.79
CA ARG A 349 13.41 1.59 -16.23
C ARG A 349 12.33 1.78 -17.29
N GLY A 350 11.14 1.26 -17.03
CA GLY A 350 9.95 1.40 -17.91
C GLY A 350 9.96 0.70 -19.27
N ILE A 351 10.94 -0.15 -19.58
CA ILE A 351 11.01 -0.73 -20.92
C ILE A 351 11.57 -2.14 -20.82
N TRP A 352 11.00 -3.02 -21.65
CA TRP A 352 11.36 -4.43 -21.65
C TRP A 352 12.76 -4.61 -22.24
N GLN A 353 13.69 -5.03 -21.41
CA GLN A 353 15.05 -5.25 -21.89
C GLN A 353 15.22 -6.69 -22.34
N VAL A 354 15.26 -6.88 -23.66
CA VAL A 354 15.26 -8.24 -24.24
C VAL A 354 16.67 -8.76 -24.49
N LYS A 355 17.06 -9.68 -23.61
CA LYS A 355 18.33 -10.38 -23.67
C LYS A 355 18.53 -11.27 -24.97
N PRO A 356 19.78 -11.52 -25.41
CA PRO A 356 19.97 -12.43 -26.54
C PRO A 356 19.36 -13.79 -26.34
N ILE A 357 18.89 -14.37 -27.43
CA ILE A 357 18.26 -15.69 -27.37
C ILE A 357 19.33 -16.68 -26.94
N LEU A 358 19.07 -17.48 -25.91
CA LEU A 358 19.98 -18.56 -25.51
C LEU A 358 19.88 -19.74 -26.49
N GLN A 359 20.94 -19.91 -27.27
CA GLN A 359 21.04 -20.93 -28.31
C GLN A 359 21.03 -22.33 -27.76
N GLY A 360 20.14 -23.19 -28.26
CA GLY A 360 19.95 -24.53 -27.70
C GLY A 360 19.46 -24.66 -26.24
N TRP A 361 18.79 -23.66 -25.67
CA TRP A 361 18.16 -23.85 -24.37
C TRP A 361 16.68 -24.10 -24.64
N ASP A 362 16.16 -25.24 -24.18
CA ASP A 362 14.74 -25.47 -24.26
C ASP A 362 14.03 -24.90 -23.04
N HIS A 363 12.69 -25.02 -23.08
CA HIS A 363 11.83 -24.40 -22.08
C HIS A 363 12.26 -24.71 -20.64
N VAL A 364 12.79 -25.89 -20.47
CA VAL A 364 12.86 -26.45 -19.16
C VAL A 364 14.34 -26.46 -18.75
N ASP A 365 15.22 -26.17 -19.73
CA ASP A 365 16.64 -25.99 -19.45
C ASP A 365 16.84 -24.81 -18.52
N PHE A 366 16.00 -23.77 -18.62
CA PHE A 366 16.06 -22.60 -17.73
C PHE A 366 15.89 -22.94 -16.25
N ILE A 367 15.31 -24.08 -15.95
CA ILE A 367 15.13 -24.45 -14.57
C ILE A 367 15.87 -25.74 -14.22
N GLY A 368 16.67 -26.23 -15.18
CA GLY A 368 17.61 -27.35 -14.99
C GLY A 368 17.00 -28.74 -14.75
N VAL A 369 15.76 -28.96 -15.15
CA VAL A 369 15.09 -30.23 -14.86
C VAL A 369 15.28 -31.27 -15.96
N ASP A 370 15.90 -30.86 -17.05
CA ASP A 370 16.20 -31.79 -18.13
C ASP A 370 17.41 -32.68 -17.78
N PHE A 371 17.19 -33.71 -16.97
CA PHE A 371 18.26 -34.68 -16.52
C PHE A 371 18.94 -35.43 -17.70
N LEU A 372 18.19 -35.67 -18.76
CA LEU A 372 18.73 -36.17 -20.01
C LEU A 372 19.70 -35.25 -20.79
N ASP A 373 19.73 -33.94 -20.55
CA ASP A 373 20.56 -33.03 -21.40
C ASP A 373 21.91 -32.77 -20.78
N PHE A 374 22.89 -33.61 -21.11
CA PHE A 374 24.26 -33.48 -20.58
C PHE A 374 25.00 -32.26 -21.12
N LYS A 375 24.59 -31.74 -22.29
CA LYS A 375 25.16 -30.52 -22.90
C LYS A 375 24.81 -29.20 -22.15
N ARG A 376 23.79 -29.22 -21.27
CA ARG A 376 23.44 -28.05 -20.43
C ARG A 376 23.92 -28.29 -19.00
N LYS A 377 25.13 -27.82 -18.70
CA LYS A 377 25.78 -28.18 -17.44
C LYS A 377 25.34 -27.32 -16.24
N GLY A 378 25.47 -27.92 -15.06
CA GLY A 378 25.21 -27.24 -13.78
C GLY A 378 25.95 -25.94 -13.51
N SER A 379 27.20 -25.82 -13.94
CA SER A 379 27.99 -24.58 -13.77
C SER A 379 27.51 -23.47 -14.71
N GLU A 380 27.03 -23.85 -15.88
CA GLU A 380 26.41 -22.91 -16.79
C GLU A 380 25.12 -22.32 -16.14
N LEU A 381 24.38 -23.18 -15.44
CA LEU A 381 23.13 -22.77 -14.84
C LEU A 381 23.39 -21.84 -13.68
N ALA A 382 24.38 -22.20 -12.88
CA ALA A 382 24.88 -21.33 -11.82
C ALA A 382 25.29 -19.92 -12.34
N ASN A 383 25.91 -19.86 -13.51
CA ASN A 383 26.29 -18.57 -14.11
C ASN A 383 25.12 -17.76 -14.56
N PHE A 384 24.15 -18.44 -15.15
CA PHE A 384 22.95 -17.78 -15.61
C PHE A 384 22.20 -17.13 -14.43
N TYR A 385 22.01 -17.91 -13.34
CA TYR A 385 21.31 -17.38 -12.16
C TYR A 385 22.09 -16.24 -11.43
N ILE A 386 23.41 -16.45 -11.25
CA ILE A 386 24.27 -15.42 -10.67
C ILE A 386 24.15 -14.12 -11.51
N GLY A 387 24.17 -14.29 -12.84
CA GLY A 387 24.00 -13.23 -13.80
C GLY A 387 22.75 -12.41 -13.55
N ILE A 388 21.63 -13.09 -13.24
CA ILE A 388 20.36 -12.44 -12.88
C ILE A 388 20.51 -11.67 -11.57
N ILE A 389 21.07 -12.32 -10.55
CA ILE A 389 21.29 -11.66 -9.26
C ILE A 389 22.14 -10.38 -9.39
N ASN A 390 23.17 -10.43 -10.24
CA ASN A 390 24.01 -9.26 -10.53
C ASN A 390 23.20 -8.10 -11.08
N ASP A 391 22.41 -8.38 -12.11
CA ASP A 391 21.47 -7.42 -12.67
C ASP A 391 20.55 -6.82 -11.60
N LEU A 392 20.08 -7.65 -10.66
CA LEU A 392 19.18 -7.16 -9.62
C LEU A 392 19.92 -6.20 -8.71
N LEU A 393 21.16 -6.53 -8.38
CA LEU A 393 22.01 -5.63 -7.62
C LEU A 393 22.21 -4.28 -8.33
N SER A 394 22.43 -4.28 -9.65
CA SER A 394 22.43 -3.10 -10.52
C SER A 394 21.20 -2.23 -10.39
N VAL A 395 20.05 -2.89 -10.25
CA VAL A 395 18.81 -2.16 -10.09
C VAL A 395 18.84 -1.52 -8.71
N GLU A 396 19.32 -2.26 -7.72
CA GLU A 396 19.38 -1.74 -6.37
C GLU A 396 20.31 -0.53 -6.26
N ALA A 397 21.38 -0.58 -7.07
CA ALA A 397 22.44 0.38 -7.02
C ALA A 397 22.14 1.62 -7.90
N THR A 398 20.97 1.70 -8.53
CA THR A 398 20.58 2.91 -9.30
C THR A 398 19.23 3.54 -8.87
N GLU A 399 19.20 4.40 -7.83
CA GLU A 399 17.96 5.03 -7.22
C GLU A 399 17.24 4.10 -6.22
N GLN B 18 -33.28 19.07 11.82
CA GLN B 18 -33.17 18.47 10.47
C GLN B 18 -31.93 19.04 9.73
N PRO B 19 -30.66 18.88 10.27
CA PRO B 19 -29.45 19.49 9.62
C PRO B 19 -29.12 18.92 8.24
N LEU B 20 -28.79 19.77 7.28
CA LEU B 20 -28.63 19.34 5.86
C LEU B 20 -27.63 18.18 5.59
N ASN B 21 -26.68 17.94 6.51
CA ASN B 21 -25.75 16.77 6.48
C ASN B 21 -26.08 15.75 7.54
N LYS B 22 -26.02 14.47 7.14
CA LYS B 22 -26.46 13.35 7.94
C LYS B 22 -25.52 13.12 9.12
N TYR B 23 -24.22 13.15 8.87
CA TYR B 23 -23.25 12.93 9.92
C TYR B 23 -22.53 14.25 10.28
N PRO B 24 -22.42 14.58 11.59
CA PRO B 24 -21.71 15.81 12.06
C PRO B 24 -20.25 15.90 11.55
N VAL B 25 -19.89 17.09 11.07
CA VAL B 25 -18.53 17.39 10.61
C VAL B 25 -17.75 17.96 11.80
N VAL B 26 -16.65 17.30 12.17
CA VAL B 26 -15.78 17.83 13.25
C VAL B 26 -14.44 18.32 12.66
N PHE B 27 -14.20 19.63 12.81
CA PHE B 27 -12.93 20.28 12.43
C PHE B 27 -11.89 20.16 13.53
N VAL B 28 -10.76 19.55 13.20
CA VAL B 28 -9.65 19.38 14.15
C VAL B 28 -8.41 20.30 13.83
N HIS B 29 -8.13 21.28 14.70
CA HIS B 29 -6.98 22.19 14.54
C HIS B 29 -5.62 21.50 14.66
N GLY B 30 -4.57 22.20 14.23
CA GLY B 30 -3.25 21.61 14.21
C GLY B 30 -2.38 22.00 15.39
N PHE B 31 -1.07 22.08 15.10
CA PHE B 31 -0.05 22.38 16.08
C PHE B 31 -0.20 23.66 16.86
N LEU B 32 -0.40 24.83 16.38
CA LEU B 32 -0.43 25.73 17.66
C LEU B 32 -1.85 26.21 17.97
N GLY B 33 -2.83 25.32 17.81
CA GLY B 33 -4.23 25.75 17.66
C GLY B 33 -4.97 25.95 18.95
N LEU B 34 -5.66 27.09 19.03
CA LEU B 34 -6.54 27.38 20.17
C LEU B 34 -7.88 27.83 19.62
N VAL B 35 -8.95 27.24 20.15
CA VAL B 35 -10.26 27.58 19.60
C VAL B 35 -11.25 28.07 20.59
N GLY B 36 -12.27 28.76 20.06
CA GLY B 36 -13.36 29.27 20.88
C GLY B 36 -12.85 30.04 22.10
N ASP B 37 -13.28 29.56 23.26
CA ASP B 37 -13.04 30.20 24.53
C ASP B 37 -11.67 30.14 25.08
N ASN B 38 -10.91 29.19 24.54
CA ASN B 38 -9.58 28.96 25.01
C ASN B 38 -8.59 29.81 24.21
N ALA B 39 -9.08 30.52 23.19
CA ALA B 39 -8.27 31.44 22.39
C ALA B 39 -8.23 32.82 23.05
N PRO B 40 -7.04 33.29 23.42
CA PRO B 40 -6.94 34.68 23.94
C PRO B 40 -7.46 35.73 22.95
N ALA B 41 -7.73 36.94 23.43
CA ALA B 41 -8.31 38.00 22.59
C ALA B 41 -7.50 38.40 21.32
N LEU B 42 -6.17 38.57 21.41
CA LEU B 42 -5.36 38.93 20.22
C LEU B 42 -5.08 37.77 19.22
N TYR B 43 -5.29 36.54 19.67
CA TYR B 43 -5.12 35.36 18.84
C TYR B 43 -6.25 35.19 17.78
N PRO B 44 -5.93 34.90 16.52
CA PRO B 44 -7.02 34.95 15.53
C PRO B 44 -8.01 33.80 15.66
N ASN B 45 -9.16 33.97 15.03
CA ASN B 45 -10.16 32.92 14.97
C ASN B 45 -9.64 31.76 14.06
N TYR B 46 -9.39 30.58 14.62
CA TYR B 46 -8.60 29.58 13.90
C TYR B 46 -9.24 29.15 12.59
N TRP B 47 -10.52 28.82 12.61
CA TRP B 47 -11.16 28.28 11.41
C TRP B 47 -11.78 29.42 10.59
N GLY B 48 -10.92 30.03 9.78
CA GLY B 48 -11.33 30.98 8.77
C GLY B 48 -10.86 32.41 9.00
N GLY B 49 -10.26 32.68 10.17
CA GLY B 49 -9.74 33.99 10.52
C GLY B 49 -10.86 35.01 10.35
N ASN B 50 -10.60 36.06 9.56
CA ASN B 50 -11.64 37.04 9.18
C ASN B 50 -12.23 36.85 7.83
N LYS B 51 -11.68 35.91 7.10
CA LYS B 51 -12.01 35.79 5.70
C LYS B 51 -13.27 34.95 5.47
N PHE B 52 -13.54 33.98 6.36
CA PHE B 52 -14.73 33.12 6.25
C PHE B 52 -14.87 32.35 7.54
N LYS B 53 -15.79 32.82 8.39
CA LYS B 53 -15.99 32.24 9.72
C LYS B 53 -16.56 30.82 9.57
N VAL B 54 -15.70 29.80 9.53
CA VAL B 54 -16.12 28.47 9.09
C VAL B 54 -17.32 27.92 9.85
N ILE B 55 -17.23 27.87 11.16
CA ILE B 55 -18.30 27.33 11.97
C ILE B 55 -19.58 28.16 11.86
N GLU B 56 -19.49 29.46 12.06
CA GLU B 56 -20.68 30.31 12.09
C GLU B 56 -21.46 30.30 10.74
N GLU B 57 -20.73 30.38 9.63
CA GLU B 57 -21.31 30.48 8.30
C GLU B 57 -21.88 29.15 7.82
N LEU B 58 -21.16 28.06 8.06
CA LEU B 58 -21.65 26.72 7.66
C LEU B 58 -22.93 26.31 8.40
N ARG B 59 -23.06 26.78 9.66
CA ARG B 59 -24.29 26.62 10.47
C ARG B 59 -25.42 27.44 9.86
N LYS B 60 -25.13 28.70 9.52
CA LYS B 60 -26.05 29.59 8.80
C LYS B 60 -26.56 28.97 7.48
N GLN B 61 -25.74 28.21 6.78
CA GLN B 61 -26.20 27.45 5.60
C GLN B 61 -26.88 26.12 5.95
N GLY B 62 -27.11 25.87 7.24
CA GLY B 62 -27.79 24.67 7.75
C GLY B 62 -27.03 23.34 7.79
N TYR B 63 -25.71 23.38 7.97
CA TYR B 63 -24.93 22.16 8.19
C TYR B 63 -24.56 22.01 9.68
N ASN B 64 -24.51 20.79 10.19
CA ASN B 64 -24.09 20.53 11.58
C ASN B 64 -22.56 20.40 11.60
N VAL B 65 -21.88 21.45 12.04
CA VAL B 65 -20.42 21.47 12.09
C VAL B 65 -19.86 21.81 13.48
N HIS B 66 -18.72 21.23 13.84
CA HIS B 66 -18.04 21.59 15.09
C HIS B 66 -16.55 21.80 15.00
N GLN B 67 -16.01 22.43 16.02
CA GLN B 67 -14.60 22.83 16.15
C GLN B 67 -14.02 22.14 17.39
N ALA B 68 -13.41 20.97 17.22
CA ALA B 68 -12.70 20.33 18.29
C ALA B 68 -11.63 21.26 18.88
N SER B 69 -11.51 21.11 20.20
CA SER B 69 -10.48 21.77 20.99
C SER B 69 -9.63 20.70 21.65
N VAL B 70 -8.41 20.56 21.17
CA VAL B 70 -7.47 19.58 21.76
C VAL B 70 -6.13 20.27 22.03
N SER B 71 -5.23 19.56 22.65
CA SER B 71 -3.94 20.11 23.08
C SER B 71 -3.18 20.79 21.97
N ALA B 72 -2.64 21.98 22.28
CA ALA B 72 -1.89 22.73 21.29
C ALA B 72 -0.42 22.25 21.18
N PHE B 73 0.18 21.73 22.23
CA PHE B 73 1.62 21.35 22.16
C PHE B 73 1.78 19.83 22.41
N GLY B 74 0.69 19.16 22.80
CA GLY B 74 0.66 17.71 23.08
C GLY B 74 1.03 16.81 21.90
N SER B 75 1.39 15.57 22.22
CA SER B 75 1.61 14.56 21.17
C SER B 75 0.30 14.20 20.45
N ASN B 76 0.41 13.67 19.23
CA ASN B 76 -0.73 13.08 18.53
C ASN B 76 -1.44 12.06 19.41
N TYR B 77 -0.68 11.28 20.19
CA TYR B 77 -1.34 10.38 21.11
C TYR B 77 -2.28 11.11 22.09
N ASP B 78 -1.74 12.07 22.85
CA ASP B 78 -2.47 12.78 23.88
C ASP B 78 -3.69 13.47 23.25
N ARG B 79 -3.45 14.12 22.10
CA ARG B 79 -4.45 14.77 21.28
C ARG B 79 -5.56 13.86 20.71
N ALA B 80 -5.17 12.62 20.37
CA ALA B 80 -6.14 11.70 19.78
C ALA B 80 -7.09 11.25 20.87
N VAL B 81 -6.56 11.06 22.09
CA VAL B 81 -7.37 10.69 23.23
C VAL B 81 -8.35 11.83 23.46
N GLN B 82 -7.84 13.06 23.47
CA GLN B 82 -8.67 14.24 23.72
C GLN B 82 -9.75 14.43 22.69
N LEU B 83 -9.43 14.13 21.42
CA LEU B 83 -10.41 14.21 20.34
C LEU B 83 -11.55 13.30 20.58
N TYR B 84 -11.27 12.07 21.02
CA TYR B 84 -12.33 11.10 21.25
C TYR B 84 -13.26 11.63 22.34
N TYR B 85 -12.68 12.07 23.48
CA TYR B 85 -13.48 12.63 24.57
C TYR B 85 -14.20 13.92 24.19
N TYR B 86 -13.65 14.67 23.24
CA TYR B 86 -14.37 15.85 22.79
C TYR B 86 -15.68 15.46 22.08
N ILE B 87 -15.61 14.41 21.28
CA ILE B 87 -16.75 13.95 20.51
C ILE B 87 -17.73 13.21 21.42
N LYS B 88 -17.23 12.22 22.16
CA LYS B 88 -18.05 11.33 23.01
C LYS B 88 -18.57 11.98 24.32
N GLY B 89 -17.81 12.93 24.86
CA GLY B 89 -17.99 13.39 26.24
C GLY B 89 -17.34 12.42 27.23
N GLY B 90 -16.97 12.95 28.40
CA GLY B 90 -16.36 12.18 29.46
C GLY B 90 -15.00 12.74 29.87
N ARG B 91 -14.38 12.08 30.86
CA ARG B 91 -13.10 12.45 31.42
C ARG B 91 -11.98 11.83 30.57
N VAL B 92 -10.99 12.65 30.22
CA VAL B 92 -9.89 12.20 29.39
C VAL B 92 -9.12 11.18 30.17
N ASP B 93 -8.96 9.99 29.57
CA ASP B 93 -8.03 8.95 30.09
C ASP B 93 -6.97 8.58 29.05
N TYR B 94 -5.72 8.94 29.33
CA TYR B 94 -4.61 8.72 28.40
C TYR B 94 -4.15 7.27 28.38
N GLY B 95 -4.71 6.45 29.28
CA GLY B 95 -4.27 5.09 29.49
C GLY B 95 -3.19 4.92 30.55
N ALA B 96 -3.37 3.94 31.43
CA ALA B 96 -2.47 3.72 32.56
C ALA B 96 -1.04 3.41 32.17
N ALA B 97 -0.89 2.60 31.10
CA ALA B 97 0.45 2.18 30.60
C ALA B 97 1.23 3.38 30.02
N HIS B 98 0.52 4.12 29.18
CA HIS B 98 1.02 5.31 28.53
C HIS B 98 1.50 6.32 29.58
N ALA B 99 0.56 6.71 30.46
CA ALA B 99 0.86 7.55 31.62
C ALA B 99 2.15 7.16 32.34
N ALA B 100 2.26 5.87 32.59
CA ALA B 100 3.35 5.38 33.42
C ALA B 100 4.62 5.44 32.63
N LYS B 101 4.54 5.15 31.33
CA LYS B 101 5.69 5.08 30.47
C LYS B 101 6.37 6.46 30.28
N TYR B 102 5.56 7.52 30.18
CA TYR B 102 6.09 8.83 29.81
C TYR B 102 6.25 9.79 30.96
N GLY B 103 5.48 9.48 32.01
CA GLY B 103 5.52 10.23 33.24
C GLY B 103 4.52 11.35 33.35
N HIS B 104 3.38 11.31 32.65
CA HIS B 104 2.31 12.29 32.91
C HIS B 104 1.13 11.71 33.64
N GLU B 105 0.23 12.59 34.02
CA GLU B 105 -1.06 12.25 34.56
C GLU B 105 -1.85 11.35 33.65
N ARG B 106 -2.49 10.34 34.24
CA ARG B 106 -3.40 9.48 33.54
C ARG B 106 -4.68 10.15 33.10
N TYR B 107 -5.23 11.00 33.96
CA TYR B 107 -6.54 11.57 33.68
C TYR B 107 -6.41 13.05 33.46
N GLY B 108 -7.16 13.59 32.50
CA GLY B 108 -7.15 15.01 32.21
C GLY B 108 -8.47 15.72 32.46
N LYS B 109 -8.76 16.71 31.59
CA LYS B 109 -10.02 17.44 31.64
C LYS B 109 -11.23 16.57 31.30
N THR B 110 -12.40 17.10 31.59
CA THR B 110 -13.55 16.32 31.27
C THR B 110 -14.49 17.11 30.33
N TYR B 111 -14.82 16.57 29.15
CA TYR B 111 -15.65 17.25 28.10
C TYR B 111 -17.13 16.94 28.18
N LYS B 112 -17.98 17.91 27.82
CA LYS B 112 -19.44 17.68 27.69
C LYS B 112 -19.76 16.60 26.66
N GLY B 113 -19.21 16.72 25.44
CA GLY B 113 -19.45 15.72 24.37
C GLY B 113 -20.29 16.34 23.28
N ILE B 114 -19.96 16.05 22.03
CA ILE B 114 -20.65 16.69 20.92
C ILE B 114 -21.81 15.79 20.51
N MET B 115 -21.62 14.50 20.76
CA MET B 115 -22.68 13.53 20.67
C MET B 115 -22.40 12.41 21.68
N PRO B 116 -23.05 12.46 22.89
CA PRO B 116 -22.77 11.46 23.94
C PRO B 116 -23.15 10.01 23.53
N ASN B 117 -23.92 9.93 22.43
CA ASN B 117 -24.44 8.65 21.89
C ASN B 117 -23.53 7.91 20.88
N TRP B 118 -22.33 8.41 20.67
CA TRP B 118 -21.45 7.98 19.58
C TRP B 118 -20.97 6.56 19.82
N GLU B 119 -21.12 5.75 18.76
CA GLU B 119 -20.92 4.30 18.77
C GLU B 119 -21.14 3.82 17.32
N PRO B 120 -20.74 2.55 16.99
CA PRO B 120 -20.90 1.99 15.65
C PRO B 120 -22.29 2.24 15.04
N GLY B 121 -22.33 2.64 13.77
CA GLY B 121 -23.57 3.05 13.16
C GLY B 121 -23.87 4.54 13.23
N LYS B 122 -23.34 5.27 14.22
CA LYS B 122 -23.55 6.74 14.28
C LYS B 122 -22.26 7.44 13.82
N LYS B 123 -22.20 7.85 12.54
CA LYS B 123 -20.91 8.24 11.94
C LYS B 123 -20.62 9.74 12.09
N VAL B 124 -19.35 10.10 11.92
CA VAL B 124 -18.90 11.49 12.07
C VAL B 124 -17.95 11.77 10.88
N HIS B 125 -17.97 12.99 10.32
CA HIS B 125 -16.94 13.40 9.29
C HIS B 125 -15.75 14.06 10.00
N LEU B 126 -14.52 13.67 9.64
CA LEU B 126 -13.34 14.27 10.30
C LEU B 126 -12.50 15.09 9.34
N VAL B 127 -12.48 16.41 9.57
CA VAL B 127 -11.55 17.24 8.79
C VAL B 127 -10.48 17.92 9.63
N GLY B 128 -9.23 17.60 9.32
CA GLY B 128 -8.05 18.07 10.08
C GLY B 128 -7.19 19.04 9.31
N HIS B 129 -6.79 20.14 9.95
CA HIS B 129 -5.79 21.01 9.35
C HIS B 129 -4.45 20.63 9.94
N ALA B 130 -3.45 20.51 9.06
CA ALA B 130 -2.06 20.27 9.51
C ALA B 130 -2.01 19.06 10.47
N MET B 131 -1.41 19.22 11.66
CA MET B 131 -1.32 18.11 12.65
C MET B 131 -2.68 17.48 12.97
N GLY B 132 -3.75 18.23 12.79
CA GLY B 132 -5.08 17.69 12.98
C GLY B 132 -5.33 16.45 12.13
N GLY B 133 -4.82 16.45 10.89
CA GLY B 133 -4.86 15.27 10.00
C GLY B 133 -4.23 14.01 10.57
N GLN B 134 -3.10 14.17 11.24
CA GLN B 134 -2.44 13.10 11.98
C GLN B 134 -3.27 12.66 13.16
N THR B 135 -3.79 13.61 13.92
CA THR B 135 -4.59 13.29 15.10
C THR B 135 -5.83 12.45 14.72
N ILE B 136 -6.52 12.83 13.64
CA ILE B 136 -7.69 12.14 13.08
C ILE B 136 -7.33 10.65 12.83
N ARG B 137 -6.26 10.43 12.09
CA ARG B 137 -5.82 9.11 11.75
C ARG B 137 -5.60 8.23 12.99
N LEU B 138 -4.87 8.74 13.99
CA LEU B 138 -4.53 7.99 15.23
C LEU B 138 -5.75 7.65 16.02
N MET B 139 -6.69 8.60 16.14
CA MET B 139 -7.92 8.32 16.87
C MET B 139 -8.70 7.15 16.23
N GLU B 140 -8.92 7.24 14.92
CA GLU B 140 -9.55 6.16 14.19
C GLU B 140 -8.82 4.83 14.37
N GLU B 141 -7.48 4.79 14.27
CA GLU B 141 -6.76 3.54 14.56
C GLU B 141 -7.05 2.94 15.90
N PHE B 142 -7.15 3.77 16.93
CA PHE B 142 -7.54 3.28 18.23
C PHE B 142 -8.96 2.69 18.23
N LEU B 143 -9.91 3.41 17.63
CA LEU B 143 -11.29 2.95 17.64
C LEU B 143 -11.39 1.53 17.09
N ARG B 144 -10.84 1.38 15.88
CA ARG B 144 -10.80 0.18 15.07
C ARG B 144 -9.90 -0.95 15.58
N ASN B 145 -8.65 -0.71 15.90
CA ASN B 145 -7.77 -1.84 16.31
C ASN B 145 -7.36 -1.77 17.80
N GLY B 146 -7.83 -0.77 18.56
CA GLY B 146 -7.36 -0.59 19.97
C GLY B 146 -5.91 -0.14 20.17
N ASN B 147 -5.42 -0.37 21.39
CA ASN B 147 -4.04 -0.08 21.72
C ASN B 147 -3.45 -1.28 22.46
N LYS B 148 -2.57 -2.01 21.82
CA LYS B 148 -2.01 -3.16 22.45
C LYS B 148 -1.53 -2.92 23.87
N GLU B 149 -0.56 -2.03 24.01
CA GLU B 149 0.01 -1.71 25.30
C GLU B 149 -1.01 -1.59 26.42
N GLU B 150 -2.05 -0.80 26.21
CA GLU B 150 -3.11 -0.66 27.21
C GLU B 150 -3.92 -1.93 27.41
N ILE B 151 -4.20 -2.67 26.33
CA ILE B 151 -4.95 -3.92 26.49
C ILE B 151 -4.16 -4.87 27.39
N ALA B 152 -2.83 -4.98 27.13
CA ALA B 152 -1.95 -5.84 27.92
C ALA B 152 -1.91 -5.39 29.35
N TYR B 153 -1.84 -4.08 29.56
CA TYR B 153 -1.73 -3.55 30.89
C TYR B 153 -2.98 -3.83 31.74
N HIS B 154 -4.16 -3.62 31.13
CA HIS B 154 -5.46 -3.94 31.73
C HIS B 154 -5.62 -5.47 32.02
N GLN B 155 -5.20 -6.31 31.06
CA GLN B 155 -5.05 -7.76 31.28
C GLN B 155 -4.24 -8.13 32.53
N ALA B 156 -3.09 -7.48 32.75
CA ALA B 156 -2.28 -7.73 33.94
C ALA B 156 -2.85 -7.11 35.23
N HIS B 157 -3.31 -5.86 35.20
CA HIS B 157 -3.56 -5.08 36.44
C HIS B 157 -5.04 -4.80 36.70
N GLY B 158 -5.93 -5.32 35.84
CA GLY B 158 -7.39 -5.08 35.98
C GLY B 158 -7.85 -3.63 35.80
N GLY B 159 -8.59 -3.11 36.79
CA GLY B 159 -9.18 -1.78 36.78
C GLY B 159 -9.96 -1.37 35.55
N GLU B 160 -9.80 -0.12 35.14
CA GLU B 160 -10.55 0.45 34.03
C GLU B 160 -9.74 0.50 32.73
N ILE B 161 -10.45 0.61 31.61
CA ILE B 161 -9.83 0.80 30.32
C ILE B 161 -10.78 1.62 29.45
N SER B 162 -10.27 2.68 28.84
CA SER B 162 -11.09 3.47 27.93
C SER B 162 -11.56 2.62 26.73
N PRO B 163 -12.86 2.74 26.36
CA PRO B 163 -13.36 2.11 25.13
C PRO B 163 -12.49 2.46 23.90
N LEU B 164 -11.88 3.65 23.95
CA LEU B 164 -10.99 4.05 22.91
C LEU B 164 -9.88 3.01 22.68
N PHE B 165 -9.42 2.36 23.75
CA PHE B 165 -8.23 1.51 23.67
C PHE B 165 -8.51 0.05 23.33
N THR B 166 -9.79 -0.24 23.18
CA THR B 166 -10.34 -1.58 23.26
C THR B 166 -10.43 -2.38 21.98
N GLY B 167 -10.65 -1.69 20.86
CA GLY B 167 -10.74 -2.30 19.52
C GLY B 167 -12.15 -2.67 19.11
N GLY B 168 -12.32 -3.03 17.85
CA GLY B 168 -13.61 -3.50 17.30
C GLY B 168 -14.66 -2.46 16.93
N HIS B 169 -14.36 -1.19 17.26
CA HIS B 169 -15.24 -0.08 16.96
C HIS B 169 -15.11 0.28 15.49
N ASN B 170 -16.16 0.00 14.73
CA ASN B 170 -16.16 0.28 13.29
C ASN B 170 -17.36 1.15 12.96
N ASN B 171 -17.44 1.64 11.71
CA ASN B 171 -18.53 2.54 11.36
C ASN B 171 -18.71 3.68 12.35
N MET B 172 -17.62 4.35 12.73
CA MET B 172 -17.77 5.51 13.58
C MET B 172 -17.37 6.79 12.87
N VAL B 173 -16.63 6.59 11.78
CA VAL B 173 -16.16 7.71 10.99
C VAL B 173 -16.36 7.46 9.49
N ALA B 174 -17.13 8.34 8.85
CA ALA B 174 -17.42 8.26 7.42
C ALA B 174 -16.25 8.70 6.54
N SER B 175 -15.58 9.77 6.96
CA SER B 175 -14.54 10.38 6.16
C SER B 175 -13.38 10.92 7.00
N ILE B 176 -12.18 10.84 6.42
CA ILE B 176 -10.99 11.48 6.92
C ILE B 176 -10.49 12.37 5.79
N THR B 177 -10.54 13.68 6.04
CA THR B 177 -10.08 14.61 5.05
C THR B 177 -9.02 15.56 5.70
N THR B 178 -7.82 15.62 5.12
CA THR B 178 -6.72 16.42 5.65
C THR B 178 -6.34 17.61 4.75
N LEU B 179 -6.04 18.76 5.39
CA LEU B 179 -5.63 20.04 4.76
C LEU B 179 -4.22 20.38 5.19
N ALA B 180 -3.24 20.32 4.28
CA ALA B 180 -1.82 20.65 4.54
C ALA B 180 -1.21 19.89 5.74
N THR B 181 -1.61 18.65 5.92
CA THR B 181 -1.13 17.75 6.97
C THR B 181 0.24 17.14 6.65
N PRO B 182 1.21 17.27 7.56
CA PRO B 182 2.51 16.68 7.28
C PRO B 182 2.55 15.17 7.53
N HIS B 183 1.87 14.40 6.69
CA HIS B 183 1.85 12.91 6.82
C HIS B 183 3.21 12.28 6.94
N ASN B 184 4.17 12.87 6.23
CA ASN B 184 5.52 12.38 6.34
C ASN B 184 6.46 13.31 7.03
N GLY B 185 5.96 14.06 8.02
CA GLY B 185 6.85 14.90 8.81
C GLY B 185 7.23 16.17 8.08
N SER B 186 8.08 16.98 8.71
CA SER B 186 8.54 18.21 8.11
C SER B 186 9.86 18.52 8.67
N GLN B 187 10.72 18.98 7.79
CA GLN B 187 12.07 19.16 8.27
C GLN B 187 12.18 20.47 9.05
N ALA B 188 11.11 21.26 8.95
CA ALA B 188 10.90 22.38 9.85
C ALA B 188 10.72 21.89 11.29
N ALA B 189 10.26 20.66 11.52
CA ALA B 189 10.34 20.15 12.90
C ALA B 189 11.74 19.67 13.27
N ASP B 190 12.36 18.85 12.42
CA ASP B 190 13.68 18.26 12.67
C ASP B 190 14.73 19.33 12.94
N LYS B 191 14.70 20.40 12.15
CA LYS B 191 15.81 21.34 12.18
C LYS B 191 15.54 22.63 12.95
N PHE B 192 14.32 22.82 13.41
CA PHE B 192 13.97 24.04 14.12
C PHE B 192 12.81 23.61 14.95
N GLY B 193 12.82 23.67 16.22
CA GLY B 193 11.34 23.38 16.48
C GLY B 193 11.11 22.16 17.30
N ASN B 194 11.74 21.06 16.87
CA ASN B 194 12.16 20.00 17.80
C ASN B 194 13.54 20.12 18.45
N THR B 195 14.32 21.16 18.14
CA THR B 195 15.63 21.37 18.84
C THR B 195 15.46 21.66 20.33
N GLU B 196 16.49 21.35 21.13
CA GLU B 196 16.44 21.67 22.58
C GLU B 196 16.08 23.15 22.82
N ALA B 197 16.70 23.98 22.00
CA ALA B 197 16.54 25.40 22.10
C ALA B 197 15.09 25.78 21.94
N VAL B 198 14.43 25.32 20.86
CA VAL B 198 13.05 25.74 20.74
C VAL B 198 12.07 25.08 21.71
N ARG B 199 12.23 23.79 21.96
CA ARG B 199 11.35 23.11 22.94
C ARG B 199 11.41 23.79 24.31
N LYS B 200 12.61 24.12 24.81
CA LYS B 200 12.71 24.81 26.10
C LYS B 200 11.93 26.11 26.10
N ILE B 201 12.03 26.91 25.03
CA ILE B 201 11.23 28.14 24.94
C ILE B 201 9.75 27.79 25.01
N MET B 202 9.30 26.86 24.14
CA MET B 202 7.88 26.45 24.16
C MET B 202 7.39 25.95 25.54
N PHE B 203 8.24 25.21 26.24
CA PHE B 203 7.79 24.67 27.51
C PHE B 203 7.72 25.78 28.57
N ALA B 204 8.66 26.74 28.52
CA ALA B 204 8.52 27.94 29.35
C ALA B 204 7.20 28.67 29.06
N LEU B 205 6.83 28.83 27.77
CA LEU B 205 5.55 29.49 27.43
C LEU B 205 4.44 28.74 28.19
N ASN B 206 4.48 27.41 28.10
CA ASN B 206 3.44 26.57 28.72
C ASN B 206 3.44 26.72 30.23
N ARG B 207 4.65 26.80 30.80
CA ARG B 207 4.78 26.99 32.22
C ARG B 207 4.11 28.29 32.64
N PHE B 208 4.49 29.38 31.97
CA PHE B 208 3.94 30.67 32.25
C PHE B 208 2.43 30.64 32.07
N MET B 209 1.96 29.99 31.02
CA MET B 209 0.56 30.07 30.70
C MET B 209 -0.26 29.21 31.63
N GLY B 210 0.39 28.44 32.50
CA GLY B 210 -0.35 27.70 33.50
C GLY B 210 -0.23 28.35 34.85
N ASN B 211 0.08 29.66 34.92
CA ASN B 211 0.11 30.36 36.19
C ASN B 211 -1.32 30.50 36.76
N LYS B 212 -1.45 30.65 38.07
CA LYS B 212 -2.78 30.66 38.73
C LYS B 212 -3.78 31.68 38.18
N TYR B 213 -3.28 32.80 37.69
CA TYR B 213 -4.13 33.85 37.13
C TYR B 213 -4.39 33.62 35.64
N SER B 214 -3.90 32.49 35.14
CA SER B 214 -4.04 32.15 33.72
C SER B 214 -5.40 31.67 33.25
N ASN B 215 -5.84 32.28 32.17
CA ASN B 215 -7.12 32.03 31.56
C ASN B 215 -7.14 30.93 30.48
N ILE B 216 -6.02 30.69 29.83
CA ILE B 216 -5.99 29.73 28.73
C ILE B 216 -5.14 28.48 28.91
N ASP B 217 -5.51 27.40 28.23
CA ASP B 217 -4.84 26.10 28.32
C ASP B 217 -4.07 25.75 27.06
N LEU B 218 -2.75 25.61 27.17
CA LEU B 218 -1.90 25.32 26.04
C LEU B 218 -1.72 23.81 25.74
N GLY B 219 -2.27 22.95 26.60
CA GLY B 219 -2.38 21.52 26.33
C GLY B 219 -1.35 20.63 27.00
N LEU B 220 -0.73 21.08 28.09
CA LEU B 220 0.33 20.29 28.70
C LEU B 220 0.15 20.21 30.19
N THR B 221 -1.06 20.50 30.63
CA THR B 221 -1.38 20.46 32.07
C THR B 221 -1.16 19.07 32.67
N GLN B 222 -1.29 18.01 31.89
CA GLN B 222 -0.99 16.65 32.36
C GLN B 222 0.46 16.46 32.81
N TRP B 223 1.34 17.34 32.34
CA TRP B 223 2.77 17.26 32.68
C TRP B 223 3.13 18.04 33.93
N GLY B 224 2.14 18.69 34.56
CA GLY B 224 2.38 19.50 35.78
C GLY B 224 2.21 21.01 35.59
N PHE B 225 2.06 21.49 34.34
CA PHE B 225 2.02 22.95 34.05
C PHE B 225 0.72 23.67 34.42
N LYS B 226 0.36 23.54 35.68
CA LYS B 226 -0.68 24.33 36.31
C LYS B 226 -0.18 24.61 37.72
N GLN B 227 -0.01 25.89 38.01
CA GLN B 227 0.34 26.36 39.33
C GLN B 227 -0.86 26.16 40.28
N LEU B 228 -0.62 25.47 41.40
CA LEU B 228 -1.64 25.25 42.44
C LEU B 228 -2.07 26.53 43.19
N PRO B 229 -3.23 26.51 43.86
CA PRO B 229 -3.74 27.74 44.46
C PRO B 229 -2.88 28.42 45.51
N ASN B 230 -2.26 27.66 46.42
CA ASN B 230 -1.37 28.28 47.42
C ASN B 230 0.10 28.02 47.21
N GLU B 231 0.52 27.96 45.95
CA GLU B 231 1.89 27.63 45.65
C GLU B 231 2.57 28.84 45.03
N SER B 232 3.76 29.20 45.53
CA SER B 232 4.47 30.35 44.97
C SER B 232 4.98 29.99 43.57
N TYR B 233 5.12 31.02 42.73
CA TYR B 233 5.68 30.87 41.41
C TYR B 233 7.07 30.21 41.43
N ILE B 234 7.92 30.51 42.44
CA ILE B 234 9.25 29.88 42.53
C ILE B 234 9.05 28.38 42.76
N ASP B 235 8.09 28.01 43.62
CA ASP B 235 7.85 26.61 43.98
C ASP B 235 7.29 25.77 42.84
N TYR B 236 6.34 26.39 42.14
CA TYR B 236 5.88 25.97 40.83
C TYR B 236 7.00 25.68 39.83
N ILE B 237 7.92 26.61 39.62
CA ILE B 237 9.00 26.38 38.72
C ILE B 237 9.85 25.15 39.15
N LYS B 238 10.19 25.10 40.43
CA LYS B 238 10.91 23.97 40.99
C LYS B 238 10.20 22.63 40.75
N ARG B 239 8.91 22.55 41.06
CA ARG B 239 8.12 21.32 40.89
C ARG B 239 8.23 20.78 39.48
N VAL B 240 7.84 21.64 38.56
CA VAL B 240 7.67 21.37 37.18
C VAL B 240 8.99 21.21 36.44
N SER B 241 10.10 21.65 37.03
CA SER B 241 11.41 21.42 36.40
C SER B 241 11.84 19.92 36.48
N LYS B 242 11.15 19.18 37.34
CA LYS B 242 11.42 17.77 37.53
C LYS B 242 10.54 16.92 36.55
N SER B 243 9.64 17.55 35.80
CA SER B 243 8.80 16.85 34.88
C SER B 243 9.60 16.22 33.76
N LYS B 244 9.13 15.05 33.29
CA LYS B 244 9.73 14.37 32.16
C LYS B 244 9.48 15.08 30.81
N ILE B 245 8.51 16.00 30.75
CA ILE B 245 8.25 16.79 29.53
C ILE B 245 9.52 17.39 28.83
N TRP B 246 10.46 17.92 29.61
CA TRP B 246 11.62 18.66 29.09
C TRP B 246 12.39 17.75 28.17
N THR B 247 12.31 16.43 28.40
CA THR B 247 13.01 15.48 27.55
C THR B 247 12.18 14.42 26.79
N SER B 248 10.88 14.31 27.05
CA SER B 248 10.03 13.32 26.39
C SER B 248 9.82 13.45 24.87
N ASP B 249 9.77 12.34 24.15
CA ASP B 249 9.16 12.30 22.82
C ASP B 249 7.66 12.50 22.80
N ASP B 250 6.99 12.35 23.94
CA ASP B 250 5.53 12.48 23.98
C ASP B 250 5.00 13.96 23.92
N ASN B 251 5.32 14.64 22.81
CA ASN B 251 4.88 16.02 22.54
C ASN B 251 4.82 16.30 21.01
N ALA B 252 4.06 17.33 20.63
CA ALA B 252 3.92 17.68 19.21
C ALA B 252 5.21 17.84 18.41
N ALA B 253 6.23 18.46 18.99
CA ALA B 253 7.44 18.75 18.20
C ALA B 253 8.10 17.47 17.71
N TYR B 254 8.15 16.43 18.54
CA TYR B 254 8.71 15.17 18.11
C TYR B 254 7.79 14.53 17.02
N ASP B 255 6.48 14.52 17.25
CA ASP B 255 5.63 13.82 16.31
C ASP B 255 5.68 14.49 14.94
N LEU B 256 6.05 15.78 14.87
CA LEU B 256 6.08 16.45 13.57
C LEU B 256 7.36 16.15 12.77
N THR B 257 8.37 15.55 13.41
CA THR B 257 9.62 15.19 12.70
C THR B 257 9.40 14.09 11.63
N LEU B 258 10.36 13.91 10.74
CA LEU B 258 10.31 12.81 9.79
C LEU B 258 10.17 11.48 10.56
N ASP B 259 10.98 11.23 11.58
CA ASP B 259 10.86 9.97 12.36
C ASP B 259 9.55 9.82 13.08
N GLY B 260 9.14 10.89 13.76
CA GLY B 260 7.90 10.88 14.46
C GLY B 260 6.72 10.55 13.57
N SER B 261 6.63 11.25 12.46
CA SER B 261 5.57 11.01 11.52
C SER B 261 5.65 9.60 10.87
N ALA B 262 6.88 9.10 10.61
CA ALA B 262 7.07 7.77 10.05
C ALA B 262 6.53 6.73 11.07
N LYS B 263 6.73 6.95 12.38
CA LYS B 263 6.18 6.07 13.41
C LYS B 263 4.68 5.97 13.31
N LEU B 264 4.01 7.11 13.18
CA LEU B 264 2.57 7.11 13.00
C LEU B 264 2.16 6.29 11.74
N ASN B 265 2.85 6.52 10.61
CA ASN B 265 2.58 5.81 9.36
C ASN B 265 2.69 4.31 9.50
N ASN B 266 3.76 3.86 10.17
CA ASN B 266 4.01 2.44 10.48
C ASN B 266 3.03 1.71 11.42
N MET B 267 2.02 2.37 11.95
CA MET B 267 1.13 1.72 12.87
C MET B 267 -0.31 2.16 12.55
N THR B 268 -0.53 2.82 11.40
CA THR B 268 -1.89 3.15 10.95
C THR B 268 -2.14 2.39 9.67
N SER B 269 -3.40 2.34 9.21
CA SER B 269 -3.67 1.69 7.88
C SER B 269 -4.98 2.10 7.38
N MET B 270 -5.22 1.73 6.14
CA MET B 270 -6.43 2.11 5.46
C MET B 270 -7.60 1.38 6.09
N ASN B 271 -8.64 2.12 6.40
CA ASN B 271 -9.92 1.47 6.65
C ASN B 271 -10.57 1.32 5.25
N PRO B 272 -10.85 0.04 4.83
CA PRO B 272 -11.48 -0.15 3.50
C PRO B 272 -12.79 0.64 3.29
N ASN B 273 -13.49 0.95 4.41
CA ASN B 273 -14.77 1.67 4.39
C ASN B 273 -14.77 3.16 4.53
N ILE B 274 -13.63 3.76 4.91
CA ILE B 274 -13.55 5.23 5.10
C ILE B 274 -13.25 5.98 3.76
N THR B 275 -13.73 7.21 3.67
CA THR B 275 -13.44 7.99 2.49
C THR B 275 -12.31 8.98 2.79
N TYR B 276 -11.16 8.77 2.14
CA TYR B 276 -9.93 9.55 2.38
C TYR B 276 -9.62 10.49 1.25
N THR B 277 -9.35 11.72 1.66
CA THR B 277 -9.11 12.79 0.76
C THR B 277 -8.10 13.82 1.38
N THR B 278 -7.06 14.23 0.61
CA THR B 278 -6.08 15.27 1.05
C THR B 278 -5.92 16.51 0.13
N TYR B 279 -5.69 17.68 0.73
CA TYR B 279 -5.32 18.92 0.01
C TYR B 279 -3.92 19.38 0.40
N THR B 280 -3.26 20.05 -0.54
CA THR B 280 -1.88 20.48 -0.41
C THR B 280 -1.67 21.86 -1.01
N GLY B 281 -0.83 22.69 -0.34
CA GLY B 281 -0.49 23.98 -0.91
C GLY B 281 0.95 23.96 -1.31
N VAL B 282 1.26 24.80 -2.32
CA VAL B 282 2.66 25.17 -2.62
C VAL B 282 2.67 26.67 -2.55
N SER B 283 3.77 27.22 -2.05
CA SER B 283 3.90 28.66 -1.82
C SER B 283 5.39 29.00 -1.89
N SER B 284 6.11 28.20 -2.66
CA SER B 284 7.52 28.41 -2.89
C SER B 284 7.80 28.30 -4.41
N HIS B 285 8.90 28.91 -4.85
CA HIS B 285 9.24 28.99 -6.26
C HIS B 285 10.72 28.62 -6.41
N THR B 286 11.11 28.04 -7.55
CA THR B 286 12.51 27.68 -7.80
C THR B 286 13.45 28.87 -8.06
N GLY B 287 14.55 28.92 -7.31
CA GLY B 287 15.67 29.83 -7.54
C GLY B 287 16.60 29.31 -8.65
N PRO B 288 17.70 30.08 -8.93
CA PRO B 288 18.59 29.73 -10.07
C PRO B 288 19.36 28.40 -9.86
N LEU B 289 20.05 28.33 -8.72
CA LEU B 289 20.60 27.15 -8.02
C LEU B 289 19.81 25.81 -8.12
N GLY B 290 18.46 25.87 -8.08
CA GLY B 290 17.58 24.66 -8.01
C GLY B 290 16.72 24.52 -6.72
N TYR B 291 17.07 25.33 -5.72
CA TYR B 291 16.44 25.34 -4.42
C TYR B 291 15.15 26.14 -4.44
N GLU B 292 14.47 26.14 -3.30
CA GLU B 292 13.09 26.58 -3.24
C GLU B 292 12.92 27.66 -2.16
N ASN B 293 12.38 28.80 -2.56
CA ASN B 293 12.29 29.99 -1.70
C ASN B 293 10.82 30.42 -1.60
N PRO B 294 10.44 31.07 -0.48
CA PRO B 294 9.01 31.37 -0.28
C PRO B 294 8.51 32.47 -1.20
N ASP B 295 7.32 32.32 -1.77
CA ASP B 295 6.68 33.38 -2.56
C ASP B 295 6.37 34.61 -1.70
N LEU B 296 6.38 35.80 -2.31
CA LEU B 296 5.75 36.96 -1.68
C LEU B 296 4.32 36.53 -1.41
N GLY B 297 3.82 36.74 -0.20
CA GLY B 297 2.48 36.28 0.08
C GLY B 297 2.46 35.13 1.05
N THR B 298 3.63 34.58 1.29
CA THR B 298 3.78 33.54 2.27
C THR B 298 3.84 34.30 3.57
N PHE B 299 3.12 33.84 4.58
CA PHE B 299 3.09 34.50 5.87
C PHE B 299 4.48 34.69 6.38
N PHE B 300 4.82 35.90 6.81
CA PHE B 300 6.16 36.23 7.27
C PHE B 300 6.79 35.35 8.33
N LEU B 301 6.01 34.77 9.22
CA LEU B 301 6.51 33.91 10.26
C LEU B 301 7.00 32.55 9.75
N MET B 302 6.51 32.14 8.58
CA MET B 302 6.92 30.88 7.99
C MET B 302 8.00 31.06 6.96
N ASP B 303 8.64 32.21 6.97
CA ASP B 303 9.67 32.52 6.02
C ASP B 303 10.96 31.78 6.30
N THR B 304 11.27 31.55 7.57
CA THR B 304 12.50 30.86 7.88
C THR B 304 12.36 29.39 7.73
N THR B 305 11.20 28.86 8.11
CA THR B 305 10.95 27.45 7.95
C THR B 305 10.92 27.06 6.48
N SER B 306 10.30 27.93 5.66
CA SER B 306 10.21 27.71 4.20
C SER B 306 11.60 27.53 3.60
N ARG B 307 12.52 28.40 4.00
CA ARG B 307 13.90 28.33 3.52
C ARG B 307 14.61 27.03 3.94
N ILE B 308 14.38 26.54 5.17
CA ILE B 308 15.03 25.32 5.69
C ILE B 308 14.56 24.13 4.86
N ILE B 309 13.25 24.02 4.66
CA ILE B 309 12.70 22.99 3.82
C ILE B 309 13.19 23.14 2.37
N GLY B 310 13.08 24.35 1.83
CA GLY B 310 13.43 24.58 0.43
C GLY B 310 14.88 24.34 0.05
N HIS B 311 15.77 24.27 1.05
CA HIS B 311 17.20 24.07 0.80
C HIS B 311 17.67 22.64 1.11
N ASP B 312 16.72 21.71 1.08
CA ASP B 312 17.03 20.31 1.37
C ASP B 312 18.01 19.74 0.38
N ALA B 313 18.88 18.88 0.87
CA ALA B 313 19.70 18.12 -0.07
C ALA B 313 18.91 17.29 -1.12
N ARG B 314 17.72 16.78 -0.80
CA ARG B 314 16.97 15.91 -1.69
C ARG B 314 15.94 16.78 -2.45
N GLU B 315 16.17 17.03 -3.74
CA GLU B 315 15.29 17.88 -4.58
C GLU B 315 13.77 17.70 -4.36
N GLU B 316 13.30 16.45 -4.33
CA GLU B 316 11.88 16.10 -4.14
C GLU B 316 11.30 16.63 -2.83
N TRP B 317 12.12 16.88 -1.81
CA TRP B 317 11.66 17.40 -0.51
C TRP B 317 11.60 18.94 -0.34
N ARG B 318 11.76 19.68 -1.44
CA ARG B 318 11.96 21.13 -1.38
C ARG B 318 10.71 22.00 -1.53
N LYS B 319 9.84 21.70 -2.49
CA LYS B 319 8.64 22.51 -2.62
C LYS B 319 7.78 22.39 -1.35
N ASN B 320 7.25 23.52 -0.87
CA ASN B 320 6.55 23.56 0.44
C ASN B 320 5.51 24.64 0.51
N ASP B 321 4.73 24.60 1.58
CA ASP B 321 3.70 25.62 1.80
C ASP B 321 4.14 26.61 2.87
N GLY B 322 5.44 26.66 3.14
CA GLY B 322 5.95 27.52 4.19
C GLY B 322 6.43 26.71 5.38
N VAL B 323 5.77 25.58 5.63
CA VAL B 323 6.10 24.81 6.83
C VAL B 323 5.97 23.27 6.65
N VAL B 324 5.25 22.86 5.60
CA VAL B 324 5.22 21.45 5.22
C VAL B 324 5.52 21.19 3.74
N PRO B 325 6.51 20.31 3.51
CA PRO B 325 6.90 19.97 2.11
C PRO B 325 5.78 19.23 1.41
N VAL B 326 5.58 19.59 0.15
CA VAL B 326 4.60 18.91 -0.72
C VAL B 326 4.60 17.36 -0.58
N ILE B 327 5.76 16.68 -0.71
CA ILE B 327 5.81 15.18 -0.60
C ILE B 327 5.21 14.73 0.72
N SER B 328 5.17 15.61 1.73
CA SER B 328 4.68 15.20 3.03
C SER B 328 3.18 15.33 3.12
N SER B 329 2.65 16.33 2.42
CA SER B 329 1.21 16.60 2.45
C SER B 329 0.29 15.72 1.58
N LEU B 330 0.75 15.35 0.35
CA LEU B 330 -0.03 14.55 -0.61
C LEU B 330 -0.70 13.32 0.00
N HIS B 331 0.10 12.42 0.61
CA HIS B 331 -0.42 11.23 1.31
C HIS B 331 0.68 10.63 2.22
N PRO B 332 0.30 9.82 3.24
CA PRO B 332 1.36 9.02 3.94
C PRO B 332 2.10 8.19 2.87
N SER B 333 3.41 8.09 2.96
CA SER B 333 4.19 7.57 1.82
C SER B 333 4.07 6.03 1.65
N ASN B 334 3.84 5.34 2.76
CA ASN B 334 3.64 3.91 2.73
C ASN B 334 2.16 3.48 2.51
N GLN B 335 1.23 4.41 2.22
CA GLN B 335 -0.20 4.09 2.09
C GLN B 335 -0.75 4.40 0.67
N PRO B 336 -1.78 3.66 0.22
CA PRO B 336 -2.19 3.82 -1.22
C PRO B 336 -2.89 5.14 -1.50
N PHE B 337 -2.73 5.65 -2.72
CA PHE B 337 -3.28 6.96 -3.10
C PHE B 337 -3.65 6.98 -4.56
N VAL B 338 -4.54 7.88 -4.93
CA VAL B 338 -4.86 8.14 -6.34
C VAL B 338 -4.99 9.63 -6.57
N ASN B 339 -4.30 10.14 -7.58
CA ASN B 339 -4.48 11.52 -7.98
C ASN B 339 -5.82 11.71 -8.64
N VAL B 340 -6.51 12.73 -8.21
CA VAL B 340 -7.92 12.97 -8.45
C VAL B 340 -8.00 14.39 -9.01
N THR B 341 -8.89 14.63 -9.97
CA THR B 341 -9.12 15.99 -10.44
C THR B 341 -10.06 16.79 -9.47
N ASN B 342 -10.17 18.09 -9.73
CA ASN B 342 -10.91 18.91 -8.77
C ASN B 342 -12.44 18.84 -8.85
N ASN B 343 -12.94 18.45 -9.99
CA ASN B 343 -14.39 18.47 -10.20
C ASN B 343 -15.08 17.13 -10.01
N GLU B 344 -14.43 16.04 -10.43
CA GLU B 344 -15.10 14.73 -10.41
C GLU B 344 -15.46 14.32 -8.98
N PRO B 345 -16.56 13.56 -8.78
CA PRO B 345 -16.87 13.33 -7.38
C PRO B 345 -15.75 12.48 -6.74
N ALA B 346 -15.45 12.73 -5.47
CA ALA B 346 -14.35 12.03 -4.77
C ALA B 346 -14.84 11.01 -3.75
N THR B 347 -15.34 9.87 -4.25
CA THR B 347 -16.23 9.03 -3.48
C THR B 347 -15.67 7.63 -3.25
N ARG B 348 -14.48 7.42 -3.81
CA ARG B 348 -13.73 6.16 -3.71
C ARG B 348 -13.33 5.88 -2.25
N ARG B 349 -13.65 4.67 -1.75
CA ARG B 349 -13.28 4.27 -0.36
C ARG B 349 -11.89 3.64 -0.28
N GLY B 350 -11.28 3.65 0.93
CA GLY B 350 -10.00 2.95 1.21
C GLY B 350 -8.71 3.38 0.53
N ILE B 351 -8.74 4.54 -0.11
CA ILE B 351 -7.57 5.05 -0.80
C ILE B 351 -7.56 6.57 -0.68
N TRP B 352 -6.34 7.08 -0.49
CA TRP B 352 -6.12 8.50 -0.32
C TRP B 352 -6.37 9.22 -1.64
N GLN B 353 -7.41 10.04 -1.68
CA GLN B 353 -7.71 10.81 -2.88
C GLN B 353 -7.00 12.16 -2.81
N VAL B 354 -5.92 12.28 -3.60
CA VAL B 354 -5.06 13.47 -3.55
C VAL B 354 -5.49 14.51 -4.57
N LYS B 355 -6.08 15.59 -4.01
CA LYS B 355 -6.51 16.75 -4.76
C LYS B 355 -5.34 17.50 -5.51
N PRO B 356 -5.61 18.24 -6.60
CA PRO B 356 -4.45 18.98 -7.18
C PRO B 356 -3.92 20.02 -6.20
N ILE B 357 -2.63 20.27 -6.28
CA ILE B 357 -1.94 21.18 -5.40
C ILE B 357 -2.54 22.57 -5.62
N LEU B 358 -2.98 23.23 -4.53
CA LEU B 358 -3.46 24.61 -4.61
C LEU B 358 -2.31 25.59 -4.79
N GLN B 359 -2.22 26.15 -6.00
CA GLN B 359 -1.12 27.04 -6.38
C GLN B 359 -1.14 28.34 -5.58
N GLY B 360 0.00 28.69 -4.98
CA GLY B 360 0.10 29.85 -4.11
C GLY B 360 -0.72 29.85 -2.81
N TRP B 361 -1.09 28.70 -2.27
CA TRP B 361 -1.71 28.65 -0.96
C TRP B 361 -0.60 28.25 0.01
N ASP B 362 -0.33 29.09 1.01
CA ASP B 362 0.58 28.67 2.06
C ASP B 362 -0.17 27.92 3.16
N HIS B 363 0.61 27.44 4.12
CA HIS B 363 0.09 26.55 5.16
C HIS B 363 -1.17 27.10 5.86
N VAL B 364 -1.23 28.41 5.95
CA VAL B 364 -2.10 29.01 6.88
C VAL B 364 -3.22 29.69 6.07
N ASP B 365 -3.03 29.77 4.74
CA ASP B 365 -4.07 30.23 3.81
C ASP B 365 -5.27 29.30 3.87
N PHE B 366 -5.07 28.00 4.14
CA PHE B 366 -6.15 27.04 4.29
C PHE B 366 -7.12 27.36 5.42
N ILE B 367 -6.66 28.14 6.38
CA ILE B 367 -7.52 28.48 7.48
C ILE B 367 -7.81 29.98 7.57
N GLY B 368 -7.33 30.71 6.53
CA GLY B 368 -7.66 32.13 6.31
C GLY B 368 -7.08 33.11 7.31
N VAL B 369 -6.03 32.76 8.05
CA VAL B 369 -5.53 33.63 9.10
C VAL B 369 -4.43 34.59 8.61
N ASP B 370 -4.02 34.41 7.36
CA ASP B 370 -3.06 35.32 6.77
C ASP B 370 -3.74 36.66 6.38
N PHE B 371 -3.93 37.54 7.38
CA PHE B 371 -4.53 38.90 7.20
C PHE B 371 -3.79 39.80 6.20
N LEU B 372 -2.47 39.64 6.11
CA LEU B 372 -1.65 40.27 5.08
C LEU B 372 -1.88 39.81 3.63
N ASP B 373 -2.48 38.65 3.36
CA ASP B 373 -2.52 38.14 1.95
C ASP B 373 -3.81 38.52 1.25
N PHE B 374 -3.83 39.68 0.58
CA PHE B 374 -5.07 40.15 -0.05
C PHE B 374 -5.42 39.30 -1.31
N LYS B 375 -4.43 38.63 -1.90
CA LYS B 375 -4.63 37.73 -3.06
C LYS B 375 -5.40 36.41 -2.75
N ARG B 376 -5.50 36.04 -1.47
CA ARG B 376 -6.33 34.89 -1.03
C ARG B 376 -7.65 35.39 -0.41
N LYS B 377 -8.66 35.49 -1.26
CA LYS B 377 -9.92 36.16 -0.92
C LYS B 377 -10.86 35.36 -0.03
N GLY B 378 -11.65 36.05 0.77
CA GLY B 378 -12.73 35.44 1.56
C GLY B 378 -13.76 34.59 0.81
N SER B 379 -14.13 35.00 -0.41
CA SER B 379 -15.09 34.23 -1.22
C SER B 379 -14.46 32.95 -1.79
N GLU B 380 -13.16 33.00 -2.06
CA GLU B 380 -12.40 31.83 -2.43
C GLU B 380 -12.41 30.80 -1.28
N LEU B 381 -12.28 31.30 -0.06
CA LEU B 381 -12.21 30.43 1.10
C LEU B 381 -13.53 29.78 1.35
N ALA B 382 -14.59 30.58 1.26
CA ALA B 382 -15.95 30.07 1.29
C ALA B 382 -16.19 28.95 0.25
N ASN B 383 -15.65 29.10 -0.96
CA ASN B 383 -15.79 28.07 -1.99
C ASN B 383 -15.04 26.81 -1.69
N PHE B 384 -13.83 26.96 -1.14
CA PHE B 384 -13.04 25.84 -0.74
C PHE B 384 -13.76 25.01 0.32
N TYR B 385 -14.27 25.67 1.37
CA TYR B 385 -14.98 24.98 2.45
C TYR B 385 -16.31 24.32 1.99
N ILE B 386 -17.10 25.08 1.21
CA ILE B 386 -18.33 24.56 0.62
C ILE B 386 -18.00 23.31 -0.22
N GLY B 387 -16.92 23.39 -0.99
CA GLY B 387 -16.37 22.31 -1.78
C GLY B 387 -16.15 21.05 -0.98
N ILE B 388 -15.59 21.20 0.23
CA ILE B 388 -15.40 20.08 1.16
C ILE B 388 -16.75 19.52 1.61
N ILE B 389 -17.66 20.39 2.03
CA ILE B 389 -18.98 19.96 2.47
C ILE B 389 -19.73 19.18 1.38
N ASN B 390 -19.59 19.65 0.13
CA ASN B 390 -20.20 18.97 -1.04
C ASN B 390 -19.70 17.54 -1.16
N ASP B 391 -18.37 17.38 -1.15
CA ASP B 391 -17.75 16.08 -1.13
C ASP B 391 -18.26 15.20 0.00
N LEU B 392 -18.48 15.76 1.19
CA LEU B 392 -18.95 14.98 2.33
C LEU B 392 -20.36 14.50 2.08
N LEU B 393 -21.19 15.37 1.51
CA LEU B 393 -22.53 14.97 1.09
C LEU B 393 -22.51 13.80 0.09
N SER B 394 -21.61 13.86 -0.91
CA SER B 394 -21.33 12.76 -1.85
C SER B 394 -21.00 11.45 -1.16
N VAL B 395 -20.25 11.52 -0.06
CA VAL B 395 -19.92 10.33 0.70
C VAL B 395 -21.20 9.83 1.34
N GLU B 396 -22.02 10.74 1.86
CA GLU B 396 -23.24 10.35 2.50
C GLU B 396 -24.21 9.70 1.51
N ALA B 397 -24.16 10.19 0.28
CA ALA B 397 -25.07 9.80 -0.78
C ALA B 397 -24.60 8.54 -1.55
N THR B 398 -23.50 7.91 -1.13
CA THR B 398 -23.02 6.64 -1.75
C THR B 398 -22.90 5.51 -0.64
N GLU B 399 -22.15 4.42 -0.81
CA GLU B 399 -22.07 3.23 0.17
C GLU B 399 -23.19 2.20 0.04
#